data_2L2R
#
_entry.id   2L2R
#
_entity_poly.entity_id   1
_entity_poly.type   'polypeptide(L)'
_entity_poly.pdbx_seq_one_letter_code
;GSGRGSCRSQCMRRHEDEPWRVQECVSQCRRRRGGGD
;
_entity_poly.pdbx_strand_id   A
#
# COMPACT_ATOMS: atom_id res chain seq x y z
N GLY A 1 15.95 -5.67 1.15
CA GLY A 1 15.36 -4.68 0.27
C GLY A 1 14.15 -5.21 -0.47
N SER A 2 14.29 -6.38 -1.08
CA SER A 2 13.21 -7.00 -1.83
C SER A 2 12.79 -6.11 -3.00
N GLY A 3 13.75 -5.40 -3.57
CA GLY A 3 13.47 -4.54 -4.71
C GLY A 3 12.45 -3.47 -4.37
N ARG A 4 12.22 -2.56 -5.30
CA ARG A 4 11.26 -1.48 -5.11
C ARG A 4 9.96 -1.77 -5.85
N GLY A 5 8.93 -0.98 -5.56
CA GLY A 5 7.64 -1.16 -6.20
C GLY A 5 6.77 -2.18 -5.48
N SER A 6 6.18 -1.76 -4.37
CA SER A 6 5.33 -2.63 -3.58
C SER A 6 4.32 -1.82 -2.76
N CYS A 7 3.13 -2.37 -2.59
CA CYS A 7 2.08 -1.70 -1.82
C CYS A 7 2.54 -1.45 -0.39
N ARG A 8 3.44 -2.28 0.10
CA ARG A 8 3.95 -2.15 1.46
C ARG A 8 4.72 -0.84 1.62
N SER A 9 5.83 -0.72 0.90
CA SER A 9 6.66 0.48 0.97
C SER A 9 5.84 1.73 0.64
N GLN A 10 4.88 1.58 -0.27
CA GLN A 10 4.02 2.68 -0.68
C GLN A 10 3.10 3.10 0.47
N CYS A 11 2.47 2.12 1.10
CA CYS A 11 1.56 2.39 2.20
C CYS A 11 2.32 2.84 3.45
N MET A 12 3.58 2.41 3.55
CA MET A 12 4.43 2.77 4.68
C MET A 12 4.78 4.26 4.64
N ARG A 13 5.23 4.72 3.47
CA ARG A 13 5.62 6.12 3.30
C ARG A 13 4.39 7.03 3.40
N ARG A 14 3.26 6.54 2.89
CA ARG A 14 2.02 7.32 2.92
C ARG A 14 1.50 7.46 4.34
N HIS A 15 1.82 6.48 5.19
CA HIS A 15 1.39 6.50 6.57
C HIS A 15 2.58 6.54 7.52
N GLU A 16 3.50 7.46 7.25
CA GLU A 16 4.70 7.61 8.09
C GLU A 16 4.32 8.06 9.49
N ASP A 17 3.18 8.74 9.61
CA ASP A 17 2.72 9.23 10.90
C ASP A 17 2.01 8.13 11.68
N GLU A 18 1.46 7.16 10.95
CA GLU A 18 0.75 6.04 11.57
C GLU A 18 0.94 4.77 10.77
N PRO A 19 2.13 4.17 10.89
CA PRO A 19 2.48 2.92 10.19
C PRO A 19 1.71 1.72 10.72
N TRP A 20 0.98 1.93 11.81
CA TRP A 20 0.20 0.86 12.43
C TRP A 20 -1.07 0.58 11.62
N ARG A 21 -1.40 1.50 10.73
CA ARG A 21 -2.60 1.35 9.89
C ARG A 21 -2.20 0.98 8.46
N VAL A 22 -0.91 0.85 8.22
CA VAL A 22 -0.40 0.48 6.89
C VAL A 22 -1.04 -0.80 6.39
N GLN A 23 -1.23 -1.75 7.31
CA GLN A 23 -1.83 -3.04 6.97
C GLN A 23 -3.14 -2.84 6.21
N GLU A 24 -4.00 -1.97 6.74
CA GLU A 24 -5.29 -1.70 6.12
C GLU A 24 -5.10 -1.21 4.69
N CYS A 25 -4.04 -0.43 4.46
CA CYS A 25 -3.75 0.10 3.14
C CYS A 25 -3.19 -0.98 2.23
N VAL A 26 -2.27 -1.78 2.75
CA VAL A 26 -1.66 -2.85 1.99
C VAL A 26 -2.69 -3.91 1.60
N SER A 27 -3.57 -4.24 2.54
CA SER A 27 -4.61 -5.23 2.30
C SER A 27 -5.47 -4.85 1.10
N GLN A 28 -5.88 -3.59 1.05
CA GLN A 28 -6.70 -3.10 -0.04
C GLN A 28 -5.89 -2.90 -1.31
N CYS A 29 -4.76 -2.21 -1.17
CA CYS A 29 -3.88 -1.95 -2.30
C CYS A 29 -3.48 -3.25 -2.99
N ARG A 30 -3.11 -4.25 -2.20
CA ARG A 30 -2.71 -5.55 -2.73
C ARG A 30 -3.88 -6.24 -3.42
N ARG A 31 -4.92 -6.55 -2.66
CA ARG A 31 -6.10 -7.21 -3.19
C ARG A 31 -6.68 -6.42 -4.36
N ARG A 32 -7.40 -7.10 -5.24
CA ARG A 32 -8.01 -6.47 -6.40
C ARG A 32 -6.97 -5.69 -7.20
N ARG A 33 -5.94 -6.38 -7.66
CA ARG A 33 -4.88 -5.75 -8.44
C ARG A 33 -5.24 -5.72 -9.92
N GLY A 34 -6.22 -6.52 -10.31
CA GLY A 34 -6.63 -6.57 -11.69
C GLY A 34 -7.33 -5.30 -12.13
N GLY A 35 -7.99 -4.63 -11.20
CA GLY A 35 -8.68 -3.39 -11.51
C GLY A 35 -9.75 -3.05 -10.49
N GLY A 36 -9.39 -3.13 -9.20
CA GLY A 36 -10.33 -2.82 -8.15
C GLY A 36 -10.79 -1.38 -8.18
N ASP A 37 -11.82 -1.07 -7.41
CA ASP A 37 -12.35 0.28 -7.35
C ASP A 37 -11.53 1.16 -6.41
N GLY A 1 7.45 3.10 -10.72
CA GLY A 1 8.15 4.34 -10.96
C GLY A 1 9.47 4.42 -10.20
N SER A 2 10.56 4.60 -10.95
CA SER A 2 11.89 4.68 -10.35
C SER A 2 12.14 3.49 -9.43
N GLY A 3 11.96 2.27 -9.96
CA GLY A 3 12.17 1.08 -9.17
C GLY A 3 10.87 0.48 -8.68
N ARG A 4 9.79 0.71 -9.43
CA ARG A 4 8.48 0.18 -9.05
C ARG A 4 8.05 0.70 -7.70
N GLY A 5 6.93 0.19 -7.20
CA GLY A 5 6.41 0.62 -5.91
C GLY A 5 5.56 -0.45 -5.24
N SER A 6 6.12 -1.11 -4.25
CA SER A 6 5.41 -2.15 -3.53
C SER A 6 4.30 -1.56 -2.67
N CYS A 7 3.15 -2.27 -2.62
CA CYS A 7 2.02 -1.80 -1.84
C CYS A 7 2.42 -1.53 -0.40
N ARG A 8 3.43 -2.25 0.08
CA ARG A 8 3.90 -2.08 1.44
C ARG A 8 4.65 -0.76 1.60
N SER A 9 5.78 -0.63 0.89
CA SER A 9 6.59 0.58 0.95
C SER A 9 5.75 1.82 0.62
N GLN A 10 4.82 1.66 -0.31
CA GLN A 10 3.95 2.75 -0.72
C GLN A 10 3.03 3.18 0.42
N CYS A 11 2.41 2.21 1.07
CA CYS A 11 1.52 2.49 2.18
C CYS A 11 2.30 2.95 3.41
N MET A 12 3.55 2.52 3.51
CA MET A 12 4.41 2.89 4.63
C MET A 12 4.81 4.37 4.55
N ARG A 13 5.19 4.81 3.35
CA ARG A 13 5.59 6.18 3.14
C ARG A 13 4.41 7.13 3.31
N ARG A 14 3.24 6.67 2.88
CA ARG A 14 2.03 7.48 2.98
C ARG A 14 1.56 7.58 4.43
N HIS A 15 1.86 6.56 5.21
CA HIS A 15 1.48 6.53 6.63
C HIS A 15 2.70 6.51 7.53
N GLU A 16 3.64 7.42 7.27
CA GLU A 16 4.86 7.49 8.05
C GLU A 16 4.55 7.86 9.51
N ASP A 17 3.44 8.56 9.71
CA ASP A 17 3.03 8.96 11.06
C ASP A 17 2.30 7.82 11.77
N GLU A 18 1.37 7.18 11.07
CA GLU A 18 0.61 6.06 11.65
C GLU A 18 0.84 4.79 10.86
N PRO A 19 2.03 4.19 11.03
CA PRO A 19 2.40 2.96 10.35
C PRO A 19 1.62 1.75 10.86
N TRP A 20 0.85 1.96 11.92
CA TRP A 20 0.05 0.89 12.50
C TRP A 20 -1.19 0.61 11.66
N ARG A 21 -1.49 1.53 10.75
CA ARG A 21 -2.66 1.39 9.86
C ARG A 21 -2.21 1.02 8.45
N VAL A 22 -0.91 0.87 8.26
CA VAL A 22 -0.37 0.53 6.95
C VAL A 22 -1.00 -0.76 6.43
N GLN A 23 -1.15 -1.75 7.30
CA GLN A 23 -1.75 -3.03 6.93
C GLN A 23 -3.08 -2.81 6.22
N GLU A 24 -3.93 -1.99 6.80
CA GLU A 24 -5.24 -1.70 6.23
C GLU A 24 -5.10 -1.15 4.81
N CYS A 25 -4.04 -0.39 4.57
CA CYS A 25 -3.80 0.19 3.27
C CYS A 25 -3.27 -0.86 2.29
N VAL A 26 -2.34 -1.68 2.75
CA VAL A 26 -1.77 -2.72 1.90
C VAL A 26 -2.82 -3.76 1.55
N SER A 27 -3.64 -4.13 2.52
CA SER A 27 -4.69 -5.12 2.31
C SER A 27 -5.55 -4.76 1.09
N GLN A 28 -5.80 -3.46 0.93
CA GLN A 28 -6.61 -2.99 -0.19
C GLN A 28 -5.80 -3.02 -1.50
N CYS A 29 -4.62 -2.41 -1.47
CA CYS A 29 -3.76 -2.37 -2.64
C CYS A 29 -3.49 -3.78 -3.17
N ARG A 30 -2.99 -4.65 -2.29
CA ARG A 30 -2.68 -6.02 -2.68
C ARG A 30 -3.94 -6.74 -3.16
N ARG A 31 -5.08 -6.34 -2.60
CA ARG A 31 -6.35 -6.96 -2.97
C ARG A 31 -6.69 -6.68 -4.43
N ARG A 32 -6.40 -7.65 -5.29
CA ARG A 32 -6.66 -7.51 -6.73
C ARG A 32 -8.07 -7.97 -7.06
N ARG A 33 -9.03 -7.59 -6.22
CA ARG A 33 -10.43 -7.95 -6.42
C ARG A 33 -11.16 -6.88 -7.23
N GLY A 34 -10.55 -5.71 -7.31
CA GLY A 34 -11.17 -4.61 -8.06
C GLY A 34 -11.14 -4.85 -9.55
N GLY A 35 -9.95 -4.81 -10.14
CA GLY A 35 -9.81 -5.02 -11.57
C GLY A 35 -10.59 -4.00 -12.38
N GLY A 36 -10.30 -2.71 -12.14
CA GLY A 36 -10.98 -1.66 -12.86
C GLY A 36 -10.19 -0.36 -12.87
N ASP A 37 -10.80 0.70 -13.39
CA ASP A 37 -10.15 2.00 -13.46
C ASP A 37 -10.65 2.92 -12.35
N GLY A 1 5.66 7.87 -11.77
CA GLY A 1 6.22 8.12 -13.09
C GLY A 1 7.51 7.36 -13.32
N SER A 2 7.47 6.36 -14.19
CA SER A 2 8.65 5.56 -14.49
C SER A 2 9.24 4.95 -13.22
N GLY A 3 8.52 3.97 -12.65
CA GLY A 3 8.98 3.33 -11.44
C GLY A 3 7.89 2.53 -10.75
N ARG A 4 8.26 1.40 -10.17
CA ARG A 4 7.30 0.53 -9.49
C ARG A 4 7.53 0.56 -7.98
N GLY A 5 6.44 0.58 -7.21
CA GLY A 5 6.56 0.60 -5.77
C GLY A 5 5.66 -0.42 -5.11
N SER A 6 6.24 -1.22 -4.21
CA SER A 6 5.48 -2.25 -3.51
C SER A 6 4.37 -1.63 -2.67
N CYS A 7 3.26 -2.34 -2.54
CA CYS A 7 2.12 -1.87 -1.77
C CYS A 7 2.54 -1.57 -0.33
N ARG A 8 3.58 -2.24 0.12
CA ARG A 8 4.08 -2.05 1.48
C ARG A 8 4.82 -0.71 1.61
N SER A 9 5.93 -0.60 0.90
CA SER A 9 6.73 0.61 0.93
C SER A 9 5.87 1.85 0.62
N GLN A 10 4.95 1.69 -0.33
CA GLN A 10 4.08 2.79 -0.72
C GLN A 10 3.14 3.17 0.42
N CYS A 11 2.53 2.18 1.04
CA CYS A 11 1.61 2.41 2.14
C CYS A 11 2.36 2.92 3.37
N MET A 12 3.63 2.55 3.49
CA MET A 12 4.46 2.97 4.61
C MET A 12 4.80 4.45 4.50
N ARG A 13 5.13 4.90 3.30
CA ARG A 13 5.48 6.30 3.07
C ARG A 13 4.26 7.20 3.29
N ARG A 14 3.08 6.69 2.90
CA ARG A 14 1.85 7.46 3.05
C ARG A 14 1.40 7.48 4.51
N HIS A 15 1.80 6.47 5.26
CA HIS A 15 1.43 6.37 6.66
C HIS A 15 2.68 6.40 7.55
N GLU A 16 3.60 7.31 7.23
CA GLU A 16 4.83 7.44 8.00
C GLU A 16 4.53 7.91 9.44
N ASP A 17 3.41 8.60 9.59
CA ASP A 17 3.02 9.10 10.91
C ASP A 17 2.20 8.07 11.67
N GLU A 18 1.54 7.20 10.92
CA GLU A 18 0.71 6.15 11.53
C GLU A 18 0.85 4.84 10.77
N PRO A 19 2.04 4.22 10.88
CA PRO A 19 2.35 2.95 10.21
C PRO A 19 1.57 1.78 10.82
N TRP A 20 0.85 2.05 11.90
CA TRP A 20 0.06 1.02 12.56
C TRP A 20 -1.15 0.62 11.74
N ARG A 21 -1.52 1.49 10.78
CA ARG A 21 -2.65 1.23 9.92
C ARG A 21 -2.20 0.84 8.52
N VAL A 22 -0.88 0.61 8.37
CA VAL A 22 -0.32 0.24 7.08
C VAL A 22 -1.01 -1.00 6.52
N GLN A 23 -1.22 -2.00 7.36
CA GLN A 23 -1.88 -3.23 6.95
C GLN A 23 -3.20 -2.93 6.24
N GLU A 24 -4.01 -2.07 6.84
CA GLU A 24 -5.29 -1.70 6.27
C GLU A 24 -5.13 -1.14 4.86
N CYS A 25 -4.03 -0.41 4.66
CA CYS A 25 -3.74 0.19 3.36
C CYS A 25 -3.26 -0.88 2.36
N VAL A 26 -2.36 -1.73 2.83
CA VAL A 26 -1.82 -2.79 1.98
C VAL A 26 -2.90 -3.78 1.57
N SER A 27 -3.78 -4.12 2.51
CA SER A 27 -4.86 -5.06 2.25
C SER A 27 -5.67 -4.63 1.03
N GLN A 28 -5.87 -3.32 0.89
CA GLN A 28 -6.61 -2.78 -0.25
C GLN A 28 -5.78 -2.83 -1.52
N CYS A 29 -4.57 -2.28 -1.46
CA CYS A 29 -3.69 -2.26 -2.61
C CYS A 29 -3.48 -3.66 -3.16
N ARG A 30 -3.03 -4.57 -2.30
CA ARG A 30 -2.79 -5.96 -2.70
C ARG A 30 -4.08 -6.61 -3.19
N ARG A 31 -5.02 -6.80 -2.28
CA ARG A 31 -6.29 -7.43 -2.62
C ARG A 31 -7.12 -6.51 -3.51
N ARG A 32 -7.00 -6.69 -4.82
CA ARG A 32 -7.75 -5.88 -5.77
C ARG A 32 -9.11 -6.48 -6.06
N ARG A 33 -9.77 -6.94 -5.00
CA ARG A 33 -11.09 -7.56 -5.14
C ARG A 33 -12.16 -6.49 -5.38
N GLY A 34 -11.81 -5.24 -5.09
CA GLY A 34 -12.75 -4.15 -5.28
C GLY A 34 -12.69 -3.56 -6.66
N GLY A 35 -12.45 -2.25 -6.74
CA GLY A 35 -12.36 -1.58 -8.02
C GLY A 35 -11.39 -0.43 -8.02
N GLY A 36 -11.90 0.78 -8.24
CA GLY A 36 -11.05 1.96 -8.24
C GLY A 36 -10.32 2.16 -6.94
N ASP A 37 -9.09 2.63 -7.02
CA ASP A 37 -8.27 2.86 -5.83
C ASP A 37 -8.43 4.30 -5.33
N GLY A 1 1.07 0.32 -12.01
CA GLY A 1 0.28 1.49 -11.61
C GLY A 1 1.17 2.67 -11.25
N SER A 2 1.92 2.53 -10.17
CA SER A 2 2.81 3.59 -9.70
C SER A 2 4.19 3.47 -10.34
N GLY A 3 4.94 2.45 -9.94
CA GLY A 3 6.26 2.23 -10.49
C GLY A 3 7.04 1.19 -9.71
N ARG A 4 7.89 1.65 -8.78
CA ARG A 4 8.70 0.75 -7.98
C ARG A 4 8.12 0.59 -6.58
N GLY A 5 8.72 -0.28 -5.78
CA GLY A 5 8.24 -0.50 -4.43
C GLY A 5 6.88 -1.17 -4.39
N SER A 6 6.73 -2.15 -3.51
CA SER A 6 5.47 -2.88 -3.39
C SER A 6 4.43 -2.03 -2.66
N CYS A 7 3.26 -2.62 -2.44
CA CYS A 7 2.18 -1.92 -1.75
C CYS A 7 2.56 -1.59 -0.31
N ARG A 8 3.61 -2.25 0.17
CA ARG A 8 4.08 -2.02 1.53
C ARG A 8 4.83 -0.70 1.63
N SER A 9 5.96 -0.61 0.93
CA SER A 9 6.78 0.60 0.94
C SER A 9 5.92 1.83 0.61
N GLN A 10 4.98 1.66 -0.29
CA GLN A 10 4.09 2.77 -0.68
C GLN A 10 3.18 3.17 0.47
N CYS A 11 2.49 2.18 1.05
CA CYS A 11 1.58 2.44 2.16
C CYS A 11 2.35 2.93 3.39
N MET A 12 3.63 2.58 3.47
CA MET A 12 4.46 3.00 4.59
C MET A 12 4.79 4.48 4.50
N ARG A 13 5.12 4.94 3.30
CA ARG A 13 5.45 6.35 3.08
C ARG A 13 4.23 7.23 3.31
N ARG A 14 3.07 6.73 2.90
CA ARG A 14 1.82 7.47 3.06
C ARG A 14 1.37 7.49 4.52
N HIS A 15 1.78 6.49 5.27
CA HIS A 15 1.41 6.39 6.68
C HIS A 15 2.66 6.43 7.57
N GLU A 16 3.58 7.34 7.25
CA GLU A 16 4.81 7.46 8.02
C GLU A 16 4.51 7.93 9.44
N ASP A 17 3.39 8.61 9.63
CA ASP A 17 3.00 9.11 10.93
C ASP A 17 2.20 8.06 11.70
N GLU A 18 1.53 7.17 10.95
CA GLU A 18 0.73 6.12 11.54
C GLU A 18 0.88 4.81 10.77
N PRO A 19 2.07 4.21 10.88
CA PRO A 19 2.37 2.94 10.20
C PRO A 19 1.60 1.77 10.80
N TRP A 20 0.88 2.02 11.88
CA TRP A 20 0.11 0.98 12.54
C TRP A 20 -1.11 0.59 11.71
N ARG A 21 -1.49 1.47 10.77
CA ARG A 21 -2.63 1.21 9.91
C ARG A 21 -2.18 0.83 8.51
N VAL A 22 -0.88 0.62 8.35
CA VAL A 22 -0.31 0.24 7.05
C VAL A 22 -1.01 -0.98 6.48
N GLN A 23 -1.20 -1.99 7.32
CA GLN A 23 -1.86 -3.22 6.91
C GLN A 23 -3.19 -2.93 6.22
N GLU A 24 -3.97 -2.03 6.82
CA GLU A 24 -5.26 -1.66 6.25
C GLU A 24 -5.11 -1.11 4.85
N CYS A 25 -4.01 -0.37 4.61
CA CYS A 25 -3.75 0.21 3.30
C CYS A 25 -3.27 -0.85 2.32
N VAL A 26 -2.36 -1.70 2.77
CA VAL A 26 -1.83 -2.77 1.94
C VAL A 26 -2.91 -3.76 1.55
N SER A 27 -3.77 -4.10 2.50
CA SER A 27 -4.85 -5.04 2.26
C SER A 27 -5.67 -4.64 1.05
N GLN A 28 -5.88 -3.34 0.90
CA GLN A 28 -6.65 -2.81 -0.21
C GLN A 28 -5.84 -2.85 -1.51
N CYS A 29 -4.64 -2.30 -1.47
CA CYS A 29 -3.77 -2.27 -2.64
C CYS A 29 -3.54 -3.69 -3.19
N ARG A 30 -3.09 -4.58 -2.31
CA ARG A 30 -2.84 -5.96 -2.71
C ARG A 30 -4.11 -6.63 -3.21
N ARG A 31 -5.09 -6.78 -2.32
CA ARG A 31 -6.35 -7.39 -2.67
C ARG A 31 -7.13 -6.53 -3.67
N ARG A 32 -8.30 -7.02 -4.08
CA ARG A 32 -9.12 -6.28 -5.03
C ARG A 32 -8.32 -5.90 -6.27
N ARG A 33 -7.60 -6.87 -6.82
CA ARG A 33 -6.79 -6.63 -8.00
C ARG A 33 -7.55 -7.03 -9.27
N GLY A 34 -8.87 -7.01 -9.19
CA GLY A 34 -9.70 -7.36 -10.33
C GLY A 34 -10.00 -6.17 -11.22
N GLY A 35 -10.25 -5.01 -10.60
CA GLY A 35 -10.55 -3.81 -11.35
C GLY A 35 -9.46 -2.78 -11.25
N GLY A 36 -9.07 -2.44 -10.03
CA GLY A 36 -8.02 -1.45 -9.82
C GLY A 36 -8.34 -0.54 -8.65
N ASP A 37 -7.94 0.73 -8.78
CA ASP A 37 -8.18 1.72 -7.74
C ASP A 37 -7.76 1.18 -6.38
N GLY A 1 11.64 8.32 -15.11
CA GLY A 1 11.89 6.90 -15.26
C GLY A 1 11.35 6.09 -14.09
N SER A 2 10.66 5.01 -14.39
CA SER A 2 10.10 4.15 -13.36
C SER A 2 11.06 3.04 -12.98
N GLY A 3 10.79 2.37 -11.86
CA GLY A 3 11.64 1.30 -11.40
C GLY A 3 10.89 0.22 -10.66
N ARG A 4 11.17 0.09 -9.37
CA ARG A 4 10.51 -0.92 -8.55
C ARG A 4 9.44 -0.28 -7.65
N GLY A 5 8.62 -1.11 -7.03
CA GLY A 5 7.58 -0.62 -6.16
C GLY A 5 6.84 -1.72 -5.44
N SER A 6 6.19 -1.37 -4.32
CA SER A 6 5.45 -2.34 -3.54
C SER A 6 4.35 -1.66 -2.73
N CYS A 7 3.23 -2.36 -2.58
CA CYS A 7 2.11 -1.82 -1.83
C CYS A 7 2.49 -1.53 -0.38
N ARG A 8 3.50 -2.25 0.10
CA ARG A 8 3.97 -2.08 1.47
C ARG A 8 4.72 -0.75 1.62
N SER A 9 5.84 -0.64 0.92
CA SER A 9 6.67 0.57 0.98
C SER A 9 5.83 1.79 0.63
N GLN A 10 4.91 1.64 -0.32
CA GLN A 10 4.06 2.75 -0.73
C GLN A 10 3.12 3.16 0.40
N CYS A 11 2.49 2.19 1.02
CA CYS A 11 1.55 2.44 2.12
C CYS A 11 2.31 2.94 3.36
N MET A 12 3.56 2.52 3.49
CA MET A 12 4.39 2.92 4.62
C MET A 12 4.74 4.41 4.55
N ARG A 13 5.15 4.85 3.37
CA ARG A 13 5.51 6.25 3.16
C ARG A 13 4.29 7.17 3.34
N ARG A 14 3.13 6.67 2.91
CA ARG A 14 1.90 7.44 3.02
C ARG A 14 1.40 7.47 4.46
N HIS A 15 1.77 6.46 5.24
CA HIS A 15 1.37 6.38 6.64
C HIS A 15 2.59 6.40 7.55
N GLU A 16 3.57 7.24 7.21
CA GLU A 16 4.78 7.36 8.00
C GLU A 16 4.46 7.88 9.41
N ASP A 17 3.36 8.60 9.53
CA ASP A 17 2.95 9.15 10.81
C ASP A 17 2.15 8.13 11.62
N GLU A 18 1.52 7.21 10.91
CA GLU A 18 0.71 6.18 11.55
C GLU A 18 0.89 4.82 10.86
N PRO A 19 2.09 4.23 11.05
CA PRO A 19 2.42 2.93 10.45
C PRO A 19 1.64 1.78 11.08
N TRP A 20 0.90 2.08 12.14
CA TRP A 20 0.09 1.09 12.83
C TRP A 20 -1.20 0.81 12.08
N ARG A 21 -1.29 1.34 10.86
CA ARG A 21 -2.48 1.14 10.04
C ARG A 21 -2.11 0.84 8.60
N VAL A 22 -0.81 0.65 8.35
CA VAL A 22 -0.32 0.34 7.01
C VAL A 22 -1.00 -0.89 6.44
N GLN A 23 -1.18 -1.91 7.28
CA GLN A 23 -1.80 -3.15 6.86
C GLN A 23 -3.13 -2.88 6.17
N GLU A 24 -3.93 -1.99 6.77
CA GLU A 24 -5.24 -1.65 6.22
C GLU A 24 -5.09 -1.10 4.80
N CYS A 25 -4.01 -0.36 4.56
CA CYS A 25 -3.76 0.23 3.25
C CYS A 25 -3.27 -0.84 2.27
N VAL A 26 -2.35 -1.68 2.72
CA VAL A 26 -1.80 -2.74 1.89
C VAL A 26 -2.87 -3.75 1.51
N SER A 27 -3.73 -4.09 2.46
CA SER A 27 -4.81 -5.05 2.24
C SER A 27 -5.63 -4.66 1.02
N GLN A 28 -5.84 -3.36 0.86
CA GLN A 28 -6.62 -2.84 -0.27
C GLN A 28 -5.81 -2.90 -1.55
N CYS A 29 -4.62 -2.32 -1.52
CA CYS A 29 -3.74 -2.30 -2.68
C CYS A 29 -3.51 -3.71 -3.22
N ARG A 30 -3.04 -4.59 -2.34
CA ARG A 30 -2.78 -5.98 -2.73
C ARG A 30 -4.05 -6.66 -3.23
N ARG A 31 -5.18 -6.23 -2.69
CA ARG A 31 -6.47 -6.81 -3.06
C ARG A 31 -6.78 -6.51 -4.53
N ARG A 32 -7.68 -7.30 -5.11
CA ARG A 32 -8.06 -7.13 -6.51
C ARG A 32 -9.17 -6.09 -6.64
N ARG A 33 -9.53 -5.48 -5.53
CA ARG A 33 -10.58 -4.46 -5.51
C ARG A 33 -9.98 -3.07 -5.69
N GLY A 34 -8.68 -2.95 -5.47
CA GLY A 34 -8.01 -1.67 -5.60
C GLY A 34 -7.74 -1.30 -7.05
N GLY A 35 -6.48 -1.34 -7.44
CA GLY A 35 -6.11 -1.00 -8.80
C GLY A 35 -5.21 -2.03 -9.44
N GLY A 36 -4.03 -2.22 -8.85
CA GLY A 36 -3.09 -3.20 -9.37
C GLY A 36 -2.01 -2.56 -10.24
N ASP A 37 -0.76 -2.91 -9.98
CA ASP A 37 0.36 -2.37 -10.74
C ASP A 37 0.65 -3.24 -11.96
N GLY A 1 8.69 -4.02 -17.57
CA GLY A 1 8.84 -5.42 -17.20
C GLY A 1 8.84 -5.61 -15.69
N SER A 2 9.65 -4.81 -15.00
CA SER A 2 9.73 -4.90 -13.54
C SER A 2 8.63 -4.08 -12.88
N GLY A 3 8.60 -4.12 -11.55
CA GLY A 3 7.59 -3.38 -10.81
C GLY A 3 7.97 -1.94 -10.55
N ARG A 4 7.20 -1.25 -9.74
CA ARG A 4 7.46 0.14 -9.42
C ARG A 4 6.96 0.50 -8.02
N GLY A 5 7.66 0.01 -7.01
CA GLY A 5 7.27 0.28 -5.63
C GLY A 5 6.15 -0.63 -5.16
N SER A 6 6.44 -1.47 -4.17
CA SER A 6 5.45 -2.40 -3.63
C SER A 6 4.41 -1.65 -2.80
N CYS A 7 3.25 -2.28 -2.62
CA CYS A 7 2.17 -1.69 -1.84
C CYS A 7 2.62 -1.39 -0.41
N ARG A 8 3.54 -2.22 0.09
CA ARG A 8 4.05 -2.06 1.44
C ARG A 8 4.83 -0.76 1.58
N SER A 9 5.94 -0.65 0.85
CA SER A 9 6.78 0.54 0.89
C SER A 9 5.94 1.79 0.62
N GLN A 10 5.02 1.68 -0.34
CA GLN A 10 4.16 2.81 -0.70
C GLN A 10 3.22 3.17 0.44
N CYS A 11 2.57 2.16 1.02
CA CYS A 11 1.64 2.38 2.11
C CYS A 11 2.37 2.91 3.34
N MET A 12 3.61 2.47 3.51
CA MET A 12 4.42 2.90 4.65
C MET A 12 4.75 4.39 4.54
N ARG A 13 5.13 4.83 3.35
CA ARG A 13 5.48 6.23 3.12
C ARG A 13 4.25 7.12 3.27
N ARG A 14 3.09 6.62 2.85
CA ARG A 14 1.85 7.37 2.95
C ARG A 14 1.36 7.41 4.38
N HIS A 15 1.72 6.40 5.16
CA HIS A 15 1.30 6.33 6.56
C HIS A 15 2.51 6.34 7.48
N GLU A 16 3.54 7.09 7.09
CA GLU A 16 4.75 7.19 7.88
C GLU A 16 4.44 7.75 9.27
N ASP A 17 3.38 8.52 9.37
CA ASP A 17 2.98 9.12 10.65
C ASP A 17 2.16 8.14 11.48
N GLU A 18 1.49 7.21 10.80
CA GLU A 18 0.67 6.21 11.47
C GLU A 18 0.83 4.84 10.82
N PRO A 19 2.01 4.22 11.02
CA PRO A 19 2.31 2.92 10.46
C PRO A 19 1.51 1.79 11.12
N TRP A 20 0.75 2.16 12.16
CA TRP A 20 -0.08 1.19 12.86
C TRP A 20 -1.33 0.83 12.07
N ARG A 21 -1.46 1.44 10.89
CA ARG A 21 -2.62 1.18 10.03
C ARG A 21 -2.17 0.87 8.61
N VAL A 22 -0.88 0.60 8.45
CA VAL A 22 -0.31 0.29 7.13
C VAL A 22 -0.98 -0.96 6.55
N GLN A 23 -1.19 -1.97 7.39
CA GLN A 23 -1.81 -3.21 6.95
C GLN A 23 -3.11 -2.93 6.22
N GLU A 24 -3.96 -2.09 6.82
CA GLU A 24 -5.25 -1.75 6.21
C GLU A 24 -5.06 -1.21 4.79
N CYS A 25 -3.97 -0.48 4.58
CA CYS A 25 -3.68 0.10 3.27
C CYS A 25 -3.16 -0.98 2.32
N VAL A 26 -2.24 -1.81 2.80
CA VAL A 26 -1.69 -2.87 1.99
C VAL A 26 -2.75 -3.88 1.57
N SER A 27 -3.65 -4.20 2.50
CA SER A 27 -4.74 -5.14 2.23
C SER A 27 -5.56 -4.70 1.04
N GLN A 28 -5.85 -3.40 0.98
CA GLN A 28 -6.65 -2.84 -0.11
C GLN A 28 -5.81 -2.74 -1.38
N CYS A 29 -4.65 -2.12 -1.29
CA CYS A 29 -3.76 -1.96 -2.44
C CYS A 29 -3.46 -3.31 -3.08
N ARG A 30 -3.19 -4.32 -2.25
CA ARG A 30 -2.89 -5.65 -2.75
C ARG A 30 -4.09 -6.25 -3.45
N ARG A 31 -5.17 -6.47 -2.70
CA ARG A 31 -6.38 -7.05 -3.25
C ARG A 31 -6.87 -6.24 -4.45
N ARG A 32 -7.30 -6.94 -5.49
CA ARG A 32 -7.80 -6.30 -6.69
C ARG A 32 -9.27 -5.94 -6.56
N ARG A 33 -9.84 -6.21 -5.37
CA ARG A 33 -11.24 -5.92 -5.11
C ARG A 33 -11.40 -4.55 -4.45
N GLY A 34 -10.64 -3.57 -4.93
CA GLY A 34 -10.72 -2.22 -4.38
C GLY A 34 -11.39 -1.26 -5.31
N GLY A 35 -10.69 -0.84 -6.36
CA GLY A 35 -11.25 0.09 -7.31
C GLY A 35 -10.20 1.01 -7.92
N GLY A 36 -9.52 1.79 -7.07
CA GLY A 36 -8.51 2.68 -7.54
C GLY A 36 -8.52 4.01 -6.82
N ASP A 37 -7.62 4.91 -7.21
CA ASP A 37 -7.53 6.23 -6.59
C ASP A 37 -8.51 7.21 -7.23
N GLY A 1 14.08 6.06 -5.32
CA GLY A 1 13.75 7.24 -6.12
C GLY A 1 12.75 6.92 -7.22
N SER A 2 12.88 5.73 -7.80
CA SER A 2 11.99 5.31 -8.88
C SER A 2 10.61 4.96 -8.33
N GLY A 3 9.60 5.01 -9.20
CA GLY A 3 8.25 4.70 -8.80
C GLY A 3 7.92 3.24 -8.96
N ARG A 4 6.66 2.88 -8.72
CA ARG A 4 6.22 1.50 -8.84
C ARG A 4 7.10 0.57 -8.02
N GLY A 5 6.90 0.59 -6.70
CA GLY A 5 7.69 -0.24 -5.81
C GLY A 5 6.89 -1.41 -5.27
N SER A 6 6.20 -1.18 -4.15
CA SER A 6 5.39 -2.20 -3.52
C SER A 6 4.28 -1.60 -2.68
N CYS A 7 3.16 -2.31 -2.59
CA CYS A 7 2.00 -1.83 -1.83
C CYS A 7 2.41 -1.56 -0.38
N ARG A 8 3.43 -2.26 0.10
CA ARG A 8 3.90 -2.09 1.47
C ARG A 8 4.65 -0.77 1.62
N SER A 9 5.77 -0.64 0.92
CA SER A 9 6.58 0.57 0.99
C SER A 9 5.75 1.81 0.65
N GLN A 10 4.82 1.63 -0.29
CA GLN A 10 3.97 2.74 -0.71
C GLN A 10 3.04 3.18 0.43
N CYS A 11 2.43 2.20 1.08
CA CYS A 11 1.52 2.48 2.19
C CYS A 11 2.29 2.94 3.43
N MET A 12 3.55 2.52 3.51
CA MET A 12 4.40 2.88 4.65
C MET A 12 4.79 4.36 4.58
N ARG A 13 5.19 4.80 3.39
CA ARG A 13 5.59 6.18 3.18
C ARG A 13 4.40 7.13 3.34
N ARG A 14 3.23 6.67 2.90
CA ARG A 14 2.01 7.47 2.99
C ARG A 14 1.52 7.57 4.43
N HIS A 15 1.87 6.57 5.23
CA HIS A 15 1.47 6.53 6.64
C HIS A 15 2.69 6.52 7.55
N GLU A 16 3.61 7.45 7.30
CA GLU A 16 4.83 7.54 8.10
C GLU A 16 4.51 7.92 9.54
N ASP A 17 3.39 8.61 9.72
CA ASP A 17 2.96 9.04 11.05
C ASP A 17 2.24 7.90 11.79
N GLU A 18 1.42 7.16 11.04
CA GLU A 18 0.67 6.06 11.63
C GLU A 18 0.89 4.77 10.82
N PRO A 19 2.08 4.18 10.98
CA PRO A 19 2.45 2.93 10.29
C PRO A 19 1.66 1.74 10.81
N TRP A 20 0.92 1.94 11.88
CA TRP A 20 0.12 0.86 12.47
C TRP A 20 -1.13 0.59 11.64
N ARG A 21 -1.44 1.52 10.73
CA ARG A 21 -2.61 1.37 9.88
C ARG A 21 -2.20 0.99 8.47
N VAL A 22 -0.89 0.86 8.25
CA VAL A 22 -0.38 0.51 6.94
C VAL A 22 -1.01 -0.77 6.41
N GLN A 23 -1.16 -1.75 7.29
CA GLN A 23 -1.76 -3.02 6.92
C GLN A 23 -3.09 -2.81 6.21
N GLU A 24 -3.94 -1.98 6.79
CA GLU A 24 -5.25 -1.69 6.21
C GLU A 24 -5.11 -1.14 4.80
N CYS A 25 -4.05 -0.38 4.56
CA CYS A 25 -3.80 0.21 3.26
C CYS A 25 -3.29 -0.84 2.28
N VAL A 26 -2.36 -1.67 2.74
CA VAL A 26 -1.78 -2.73 1.91
C VAL A 26 -2.83 -3.77 1.54
N SER A 27 -3.66 -4.12 2.52
CA SER A 27 -4.72 -5.11 2.29
C SER A 27 -5.56 -4.75 1.08
N GLN A 28 -5.81 -3.46 0.91
CA GLN A 28 -6.61 -2.98 -0.21
C GLN A 28 -5.80 -3.01 -1.51
N CYS A 29 -4.63 -2.40 -1.48
CA CYS A 29 -3.77 -2.37 -2.65
C CYS A 29 -3.49 -3.77 -3.19
N ARG A 30 -2.99 -4.64 -2.31
CA ARG A 30 -2.69 -6.02 -2.68
C ARG A 30 -3.95 -6.74 -3.16
N ARG A 31 -4.90 -6.94 -2.25
CA ARG A 31 -6.14 -7.61 -2.58
C ARG A 31 -6.97 -6.79 -3.57
N ARG A 32 -7.04 -7.27 -4.81
CA ARG A 32 -7.78 -6.58 -5.85
C ARG A 32 -9.25 -7.00 -5.85
N ARG A 33 -9.65 -7.66 -4.77
CA ARG A 33 -11.04 -8.13 -4.64
C ARG A 33 -11.52 -8.00 -3.20
N GLY A 34 -10.76 -7.25 -2.40
CA GLY A 34 -11.13 -7.06 -1.01
C GLY A 34 -11.77 -5.71 -0.75
N GLY A 35 -11.52 -4.76 -1.67
CA GLY A 35 -12.08 -3.43 -1.51
C GLY A 35 -12.29 -2.75 -2.84
N GLY A 36 -11.21 -2.49 -3.56
CA GLY A 36 -11.29 -1.83 -4.86
C GLY A 36 -10.07 -1.01 -5.18
N ASP A 37 -9.98 -0.52 -6.41
CA ASP A 37 -8.85 0.30 -6.84
C ASP A 37 -9.03 1.74 -6.42
N GLY A 1 19.14 1.44 -1.23
CA GLY A 1 17.82 2.02 -1.42
C GLY A 1 17.32 1.87 -2.83
N SER A 2 16.19 2.50 -3.14
CA SER A 2 15.59 2.44 -4.45
C SER A 2 15.22 1.00 -4.81
N GLY A 3 14.70 0.80 -6.02
CA GLY A 3 14.31 -0.52 -6.47
C GLY A 3 12.81 -0.75 -6.37
N ARG A 4 12.07 -0.10 -7.27
CA ARG A 4 10.61 -0.23 -7.28
C ARG A 4 10.04 -0.12 -5.87
N GLY A 5 8.80 -0.54 -5.70
CA GLY A 5 8.16 -0.47 -4.40
C GLY A 5 6.78 -1.12 -4.40
N SER A 6 6.61 -2.13 -3.54
CA SER A 6 5.34 -2.83 -3.45
C SER A 6 4.30 -2.00 -2.70
N CYS A 7 3.11 -2.56 -2.51
CA CYS A 7 2.05 -1.87 -1.81
C CYS A 7 2.43 -1.58 -0.36
N ARG A 8 3.47 -2.27 0.11
CA ARG A 8 3.94 -2.10 1.47
C ARG A 8 4.67 -0.77 1.64
N SER A 9 5.81 -0.65 0.94
CA SER A 9 6.60 0.56 1.00
C SER A 9 5.78 1.79 0.65
N GLN A 10 4.85 1.62 -0.29
CA GLN A 10 3.99 2.71 -0.71
C GLN A 10 3.06 3.16 0.42
N CYS A 11 2.44 2.18 1.09
CA CYS A 11 1.53 2.46 2.19
C CYS A 11 2.30 2.92 3.42
N MET A 12 3.57 2.51 3.52
CA MET A 12 4.41 2.88 4.65
C MET A 12 4.80 4.35 4.57
N ARG A 13 5.20 4.79 3.38
CA ARG A 13 5.60 6.18 3.19
C ARG A 13 4.40 7.13 3.32
N ARG A 14 3.23 6.66 2.88
CA ARG A 14 2.01 7.46 2.97
C ARG A 14 1.52 7.55 4.40
N HIS A 15 1.86 6.55 5.20
CA HIS A 15 1.44 6.53 6.61
C HIS A 15 2.67 6.53 7.53
N GLU A 16 3.58 7.45 7.29
CA GLU A 16 4.81 7.55 8.09
C GLU A 16 4.46 7.94 9.53
N ASP A 17 3.34 8.63 9.70
CA ASP A 17 2.91 9.06 11.01
C ASP A 17 2.19 7.93 11.75
N GLU A 18 1.38 7.18 11.03
CA GLU A 18 0.63 6.06 11.60
C GLU A 18 0.86 4.78 10.81
N PRO A 19 2.06 4.19 10.97
CA PRO A 19 2.43 2.96 10.28
C PRO A 19 1.66 1.74 10.80
N TRP A 20 0.90 1.95 11.88
CA TRP A 20 0.11 0.88 12.46
C TRP A 20 -1.14 0.59 11.62
N ARG A 21 -1.46 1.51 10.72
CA ARG A 21 -2.63 1.36 9.85
C ARG A 21 -2.19 0.99 8.44
N VAL A 22 -0.89 0.86 8.22
CA VAL A 22 -0.37 0.51 6.92
C VAL A 22 -0.99 -0.79 6.40
N GLN A 23 -1.14 -1.76 7.29
CA GLN A 23 -1.74 -3.04 6.91
C GLN A 23 -3.07 -2.84 6.20
N GLU A 24 -3.92 -2.01 6.78
CA GLU A 24 -5.23 -1.73 6.19
C GLU A 24 -5.08 -1.19 4.78
N CYS A 25 -4.02 -0.42 4.55
CA CYS A 25 -3.78 0.15 3.24
C CYS A 25 -3.25 -0.89 2.27
N VAL A 26 -2.31 -1.70 2.73
CA VAL A 26 -1.73 -2.75 1.91
C VAL A 26 -2.75 -3.80 1.54
N SER A 27 -3.60 -4.17 2.51
CA SER A 27 -4.64 -5.17 2.29
C SER A 27 -5.52 -4.79 1.10
N GLN A 28 -5.83 -3.49 0.99
CA GLN A 28 -6.66 -3.01 -0.09
C GLN A 28 -5.87 -2.95 -1.40
N CYS A 29 -4.71 -2.32 -1.36
CA CYS A 29 -3.86 -2.20 -2.54
C CYS A 29 -3.57 -3.55 -3.14
N ARG A 30 -3.04 -4.46 -2.32
CA ARG A 30 -2.70 -5.81 -2.78
C ARG A 30 -3.94 -6.54 -3.25
N ARG A 31 -5.09 -6.23 -2.63
CA ARG A 31 -6.36 -6.87 -2.98
C ARG A 31 -6.69 -6.60 -4.45
N ARG A 32 -7.28 -7.59 -5.11
CA ARG A 32 -7.67 -7.46 -6.50
C ARG A 32 -6.45 -7.23 -7.38
N ARG A 33 -5.47 -8.14 -7.29
CA ARG A 33 -4.25 -8.03 -8.07
C ARG A 33 -4.36 -8.84 -9.37
N GLY A 34 -5.54 -8.83 -9.97
CA GLY A 34 -5.75 -9.56 -11.21
C GLY A 34 -5.97 -8.64 -12.40
N GLY A 35 -6.74 -7.58 -12.18
CA GLY A 35 -7.02 -6.64 -13.27
C GLY A 35 -5.77 -5.95 -13.76
N GLY A 36 -5.56 -4.71 -13.33
CA GLY A 36 -4.39 -3.96 -13.74
C GLY A 36 -3.21 -4.19 -12.83
N ASP A 37 -2.42 -3.13 -12.62
CA ASP A 37 -1.24 -3.22 -11.76
C ASP A 37 -1.11 -1.98 -10.89
N GLY A 1 13.83 8.19 -12.76
CA GLY A 1 14.15 7.45 -11.55
C GLY A 1 13.04 6.54 -11.10
N SER A 2 13.34 5.26 -10.95
CA SER A 2 12.34 4.27 -10.51
C SER A 2 13.01 3.03 -9.96
N GLY A 3 12.25 2.22 -9.24
CA GLY A 3 12.78 1.01 -8.65
C GLY A 3 12.09 0.63 -7.36
N ARG A 4 11.94 -0.68 -7.14
CA ARG A 4 11.28 -1.17 -5.94
C ARG A 4 9.85 -0.68 -5.86
N GLY A 5 8.89 -1.53 -6.25
CA GLY A 5 7.50 -1.15 -6.20
C GLY A 5 6.64 -2.16 -5.45
N SER A 6 6.08 -1.74 -4.34
CA SER A 6 5.25 -2.62 -3.53
C SER A 6 4.25 -1.81 -2.69
N CYS A 7 3.05 -2.35 -2.52
CA CYS A 7 2.02 -1.68 -1.73
C CYS A 7 2.49 -1.41 -0.32
N ARG A 8 3.41 -2.26 0.16
CA ARG A 8 3.95 -2.12 1.51
C ARG A 8 4.72 -0.81 1.65
N SER A 9 5.81 -0.69 0.92
CA SER A 9 6.65 0.51 0.96
C SER A 9 5.83 1.75 0.62
N GLN A 10 4.88 1.59 -0.31
CA GLN A 10 4.03 2.70 -0.72
C GLN A 10 3.09 3.12 0.40
N CYS A 11 2.50 2.15 1.07
CA CYS A 11 1.58 2.42 2.17
C CYS A 11 2.34 2.92 3.40
N MET A 12 3.56 2.45 3.56
CA MET A 12 4.40 2.85 4.70
C MET A 12 4.77 4.32 4.59
N ARG A 13 5.21 4.74 3.41
CA ARG A 13 5.61 6.12 3.19
C ARG A 13 4.42 7.06 3.31
N ARG A 14 3.25 6.59 2.86
CA ARG A 14 2.03 7.39 2.92
C ARG A 14 1.52 7.49 4.35
N HIS A 15 1.87 6.51 5.17
CA HIS A 15 1.44 6.50 6.57
C HIS A 15 2.64 6.52 7.50
N GLU A 16 3.57 7.44 7.24
CA GLU A 16 4.77 7.57 8.06
C GLU A 16 4.42 7.99 9.49
N ASP A 17 3.28 8.67 9.62
CA ASP A 17 2.83 9.13 10.94
C ASP A 17 2.11 8.01 11.68
N GLU A 18 1.39 7.18 10.95
CA GLU A 18 0.64 6.08 11.54
C GLU A 18 0.87 4.79 10.76
N PRO A 19 2.06 4.20 10.92
CA PRO A 19 2.43 2.95 10.24
C PRO A 19 1.67 1.76 10.77
N TRP A 20 0.91 1.96 11.85
CA TRP A 20 0.14 0.90 12.45
C TRP A 20 -1.11 0.59 11.63
N ARG A 21 -1.44 1.51 10.71
CA ARG A 21 -2.61 1.35 9.86
C ARG A 21 -2.20 0.95 8.44
N VAL A 22 -0.90 0.83 8.22
CA VAL A 22 -0.36 0.46 6.92
C VAL A 22 -0.98 -0.85 6.42
N GLN A 23 -1.24 -1.76 7.35
CA GLN A 23 -1.82 -3.05 7.01
C GLN A 23 -3.13 -2.86 6.23
N GLU A 24 -4.05 -2.09 6.80
CA GLU A 24 -5.34 -1.84 6.16
C GLU A 24 -5.14 -1.27 4.75
N CYS A 25 -4.07 -0.51 4.57
CA CYS A 25 -3.77 0.07 3.26
C CYS A 25 -3.21 -0.97 2.31
N VAL A 26 -2.28 -1.79 2.81
CA VAL A 26 -1.66 -2.83 2.00
C VAL A 26 -2.69 -3.88 1.59
N SER A 27 -3.57 -4.25 2.52
CA SER A 27 -4.60 -5.25 2.26
C SER A 27 -5.46 -4.82 1.06
N GLN A 28 -5.81 -3.55 1.01
CA GLN A 28 -6.64 -3.02 -0.06
C GLN A 28 -5.82 -2.88 -1.35
N CYS A 29 -4.69 -2.20 -1.26
CA CYS A 29 -3.83 -1.98 -2.41
C CYS A 29 -3.45 -3.31 -3.05
N ARG A 30 -3.14 -4.31 -2.23
CA ARG A 30 -2.76 -5.62 -2.72
C ARG A 30 -3.94 -6.29 -3.44
N ARG A 31 -5.01 -6.54 -2.69
CA ARG A 31 -6.20 -7.18 -3.25
C ARG A 31 -6.70 -6.40 -4.47
N ARG A 32 -7.12 -7.13 -5.50
CA ARG A 32 -7.63 -6.52 -6.72
C ARG A 32 -6.56 -5.63 -7.37
N ARG A 33 -5.43 -6.24 -7.70
CA ARG A 33 -4.33 -5.53 -8.33
C ARG A 33 -4.41 -5.62 -9.85
N GLY A 34 -5.62 -5.48 -10.38
CA GLY A 34 -5.80 -5.55 -11.82
C GLY A 34 -6.99 -4.74 -12.29
N GLY A 35 -7.89 -5.38 -13.04
CA GLY A 35 -9.05 -4.68 -13.55
C GLY A 35 -10.19 -4.63 -12.54
N GLY A 36 -10.85 -5.77 -12.35
CA GLY A 36 -11.96 -5.84 -11.40
C GLY A 36 -13.30 -5.74 -12.09
N ASP A 37 -14.20 -4.94 -11.51
CA ASP A 37 -15.52 -4.75 -12.08
C ASP A 37 -15.52 -3.63 -13.12
N GLY A 1 3.81 11.14 -10.62
CA GLY A 1 5.20 11.38 -10.26
C GLY A 1 5.99 10.10 -10.13
N SER A 2 5.78 9.17 -11.05
CA SER A 2 6.47 7.89 -11.02
C SER A 2 6.16 7.12 -9.75
N GLY A 3 5.05 6.37 -9.77
CA GLY A 3 4.66 5.62 -8.60
C GLY A 3 5.55 4.41 -8.37
N ARG A 4 5.12 3.24 -8.83
CA ARG A 4 5.89 2.02 -8.67
C ARG A 4 6.05 1.67 -7.19
N GLY A 5 6.82 0.63 -6.92
CA GLY A 5 7.05 0.22 -5.54
C GLY A 5 5.92 -0.66 -5.00
N SER A 6 6.29 -1.67 -4.22
CA SER A 6 5.30 -2.59 -3.66
C SER A 6 4.24 -1.82 -2.88
N CYS A 7 3.12 -2.48 -2.59
CA CYS A 7 2.03 -1.87 -1.86
C CYS A 7 2.42 -1.59 -0.42
N ARG A 8 3.39 -2.35 0.08
CA ARG A 8 3.87 -2.18 1.44
C ARG A 8 4.62 -0.85 1.60
N SER A 9 5.73 -0.73 0.90
CA SER A 9 6.55 0.48 0.97
C SER A 9 5.70 1.71 0.61
N GLN A 10 4.76 1.53 -0.31
CA GLN A 10 3.89 2.61 -0.74
C GLN A 10 3.01 3.09 0.41
N CYS A 11 2.41 2.14 1.13
CA CYS A 11 1.53 2.47 2.25
C CYS A 11 2.34 2.89 3.47
N MET A 12 3.58 2.42 3.53
CA MET A 12 4.47 2.74 4.65
C MET A 12 4.79 4.24 4.66
N ARG A 13 5.29 4.74 3.56
CA ARG A 13 5.64 6.16 3.44
C ARG A 13 4.38 7.03 3.54
N ARG A 14 3.30 6.56 2.93
CA ARG A 14 2.05 7.31 2.95
C ARG A 14 1.51 7.44 4.37
N HIS A 15 1.89 6.49 5.23
CA HIS A 15 1.44 6.50 6.62
C HIS A 15 2.65 6.59 7.57
N GLU A 16 3.53 7.53 7.31
CA GLU A 16 4.72 7.72 8.14
C GLU A 16 4.34 8.15 9.55
N ASP A 17 3.19 8.78 9.67
CA ASP A 17 2.71 9.25 10.97
C ASP A 17 1.99 8.13 11.72
N GLU A 18 1.39 7.21 10.97
CA GLU A 18 0.68 6.08 11.57
C GLU A 18 0.91 4.81 10.77
N PRO A 19 2.12 4.24 10.90
CA PRO A 19 2.50 3.00 10.20
C PRO A 19 1.76 1.79 10.73
N TRP A 20 1.02 1.98 11.82
CA TRP A 20 0.26 0.88 12.43
C TRP A 20 -0.99 0.58 11.61
N ARG A 21 -1.35 1.49 10.72
CA ARG A 21 -2.52 1.31 9.87
C ARG A 21 -2.12 0.94 8.45
N VAL A 22 -0.82 0.83 8.22
CA VAL A 22 -0.30 0.49 6.89
C VAL A 22 -0.94 -0.81 6.39
N GLN A 23 -1.14 -1.76 7.29
CA GLN A 23 -1.72 -3.05 6.95
C GLN A 23 -3.07 -2.85 6.21
N GLU A 24 -3.97 -2.11 6.85
CA GLU A 24 -5.28 -1.85 6.26
C GLU A 24 -5.14 -1.25 4.87
N CYS A 25 -4.09 -0.47 4.67
CA CYS A 25 -3.85 0.18 3.39
C CYS A 25 -3.32 -0.83 2.38
N VAL A 26 -2.37 -1.65 2.80
CA VAL A 26 -1.78 -2.66 1.92
C VAL A 26 -2.81 -3.69 1.52
N SER A 27 -3.63 -4.12 2.48
CA SER A 27 -4.67 -5.11 2.22
C SER A 27 -5.52 -4.72 1.03
N GLN A 28 -5.80 -3.42 0.90
CA GLN A 28 -6.61 -2.92 -0.19
C GLN A 28 -5.81 -2.89 -1.49
N CYS A 29 -4.65 -2.26 -1.44
CA CYS A 29 -3.79 -2.16 -2.61
C CYS A 29 -3.49 -3.53 -3.19
N ARG A 30 -2.97 -4.43 -2.36
CA ARG A 30 -2.65 -5.79 -2.80
C ARG A 30 -3.89 -6.51 -3.29
N ARG A 31 -4.83 -6.77 -2.37
CA ARG A 31 -6.06 -7.47 -2.70
C ARG A 31 -6.94 -6.60 -3.61
N ARG A 32 -8.14 -7.09 -3.90
CA ARG A 32 -9.07 -6.36 -4.77
C ARG A 32 -10.42 -7.06 -4.81
N ARG A 33 -11.23 -6.85 -3.78
CA ARG A 33 -12.55 -7.46 -3.71
C ARG A 33 -13.55 -6.71 -4.59
N GLY A 34 -13.19 -5.48 -4.97
CA GLY A 34 -14.06 -4.69 -5.81
C GLY A 34 -13.53 -4.50 -7.21
N GLY A 35 -13.58 -3.27 -7.71
CA GLY A 35 -13.09 -2.99 -9.05
C GLY A 35 -12.88 -1.50 -9.28
N GLY A 36 -12.39 -0.82 -8.26
CA GLY A 36 -12.13 0.61 -8.39
C GLY A 36 -10.85 0.90 -9.14
N ASP A 37 -10.32 2.11 -8.95
CA ASP A 37 -9.09 2.53 -9.62
C ASP A 37 -7.87 1.98 -8.89
N GLY A 1 18.95 -4.24 -4.24
CA GLY A 1 18.03 -4.04 -5.33
C GLY A 1 17.18 -2.79 -5.17
N SER A 2 16.82 -2.16 -6.29
CA SER A 2 16.02 -0.96 -6.27
C SER A 2 15.05 -0.92 -7.44
N GLY A 3 14.39 0.22 -7.63
CA GLY A 3 13.45 0.37 -8.72
C GLY A 3 12.17 -0.42 -8.48
N ARG A 4 11.79 -0.56 -7.21
CA ARG A 4 10.58 -1.31 -6.87
C ARG A 4 9.66 -0.45 -6.00
N GLY A 5 8.35 -0.60 -6.18
CA GLY A 5 7.39 0.14 -5.42
C GLY A 5 6.18 -0.68 -5.02
N SER A 6 6.38 -1.62 -4.12
CA SER A 6 5.30 -2.49 -3.67
C SER A 6 4.30 -1.71 -2.82
N CYS A 7 3.11 -2.28 -2.64
CA CYS A 7 2.07 -1.63 -1.86
C CYS A 7 2.54 -1.39 -0.43
N ARG A 8 3.44 -2.24 0.05
CA ARG A 8 3.98 -2.11 1.39
C ARG A 8 4.74 -0.80 1.56
N SER A 9 5.83 -0.66 0.82
CA SER A 9 6.65 0.53 0.89
C SER A 9 5.83 1.78 0.56
N GLN A 10 4.87 1.61 -0.35
CA GLN A 10 4.01 2.72 -0.75
C GLN A 10 3.08 3.13 0.39
N CYS A 11 2.48 2.15 1.05
CA CYS A 11 1.58 2.41 2.16
C CYS A 11 2.34 2.89 3.38
N MET A 12 3.57 2.41 3.53
CA MET A 12 4.40 2.80 4.67
C MET A 12 4.81 4.26 4.58
N ARG A 13 5.25 4.69 3.40
CA ARG A 13 5.65 6.07 3.18
C ARG A 13 4.46 7.02 3.31
N ARG A 14 3.30 6.55 2.85
CA ARG A 14 2.08 7.36 2.90
C ARG A 14 1.58 7.49 4.35
N HIS A 15 1.88 6.48 5.16
CA HIS A 15 1.47 6.49 6.55
C HIS A 15 2.68 6.48 7.49
N GLU A 16 3.59 7.41 7.25
CA GLU A 16 4.80 7.52 8.06
C GLU A 16 4.46 7.91 9.49
N ASP A 17 3.33 8.59 9.64
CA ASP A 17 2.88 9.05 10.96
C ASP A 17 2.15 7.93 11.70
N GLU A 18 1.30 7.22 10.97
CA GLU A 18 0.54 6.12 11.56
C GLU A 18 0.78 4.82 10.78
N PRO A 19 1.96 4.22 10.99
CA PRO A 19 2.36 2.98 10.33
C PRO A 19 1.55 1.78 10.85
N TRP A 20 0.77 2.00 11.91
CA TRP A 20 -0.03 0.94 12.49
C TRP A 20 -1.26 0.65 11.64
N ARG A 21 -1.56 1.56 10.71
CA ARG A 21 -2.70 1.40 9.82
C ARG A 21 -2.25 0.99 8.42
N VAL A 22 -0.94 0.86 8.24
CA VAL A 22 -0.38 0.47 6.96
C VAL A 22 -1.01 -0.82 6.44
N GLN A 23 -1.19 -1.78 7.34
CA GLN A 23 -1.77 -3.06 6.99
C GLN A 23 -3.09 -2.88 6.23
N GLU A 24 -3.95 -2.03 6.78
CA GLU A 24 -5.24 -1.76 6.16
C GLU A 24 -5.06 -1.25 4.73
N CYS A 25 -4.01 -0.49 4.50
CA CYS A 25 -3.72 0.06 3.19
C CYS A 25 -3.16 -1.00 2.25
N VAL A 26 -2.24 -1.80 2.78
CA VAL A 26 -1.62 -2.86 1.99
C VAL A 26 -2.65 -3.93 1.62
N SER A 27 -3.53 -4.26 2.56
CA SER A 27 -4.57 -5.27 2.34
C SER A 27 -5.43 -4.89 1.14
N GLN A 28 -5.86 -3.64 1.10
CA GLN A 28 -6.71 -3.14 0.02
C GLN A 28 -5.88 -2.92 -1.25
N CYS A 29 -4.76 -2.22 -1.10
CA CYS A 29 -3.90 -1.94 -2.25
C CYS A 29 -3.50 -3.23 -2.96
N ARG A 30 -3.11 -4.22 -2.17
CA ARG A 30 -2.70 -5.52 -2.73
C ARG A 30 -3.87 -6.21 -3.42
N ARG A 31 -4.88 -6.55 -2.63
CA ARG A 31 -6.05 -7.22 -3.16
C ARG A 31 -6.70 -6.40 -4.27
N ARG A 32 -7.43 -7.09 -5.14
CA ARG A 32 -8.10 -6.42 -6.27
C ARG A 32 -9.25 -7.26 -6.79
N ARG A 33 -10.33 -7.33 -6.02
CA ARG A 33 -11.50 -8.09 -6.41
C ARG A 33 -12.80 -7.37 -5.98
N GLY A 34 -12.66 -6.11 -5.62
CA GLY A 34 -13.81 -5.33 -5.20
C GLY A 34 -14.21 -4.27 -6.21
N GLY A 35 -13.40 -3.22 -6.30
CA GLY A 35 -13.68 -2.14 -7.23
C GLY A 35 -12.81 -2.22 -8.47
N GLY A 36 -11.51 -2.00 -8.30
CA GLY A 36 -10.60 -2.04 -9.43
C GLY A 36 -10.44 -0.69 -10.09
N ASP A 37 -9.67 -0.66 -11.18
CA ASP A 37 -9.44 0.59 -11.92
C ASP A 37 -9.05 1.72 -10.96
N GLY A 1 9.44 -2.32 -18.38
CA GLY A 1 8.24 -1.71 -17.86
C GLY A 1 8.49 -0.29 -17.36
N SER A 2 9.71 -0.01 -16.94
CA SER A 2 10.07 1.30 -16.44
C SER A 2 9.19 1.71 -15.27
N GLY A 3 9.33 0.99 -14.15
CA GLY A 3 8.54 1.28 -12.98
C GLY A 3 8.43 0.10 -12.05
N ARG A 4 8.84 0.28 -10.80
CA ARG A 4 8.80 -0.77 -9.80
C ARG A 4 8.43 -0.22 -8.42
N GLY A 5 7.45 -0.83 -7.79
CA GLY A 5 7.02 -0.39 -6.46
C GLY A 5 6.50 -1.52 -5.62
N SER A 6 5.91 -1.18 -4.48
CA SER A 6 5.37 -2.17 -3.55
C SER A 6 4.27 -1.58 -2.68
N CYS A 7 3.16 -2.29 -2.56
CA CYS A 7 2.04 -1.83 -1.76
C CYS A 7 2.48 -1.54 -0.32
N ARG A 8 3.54 -2.21 0.11
CA ARG A 8 4.07 -2.02 1.46
C ARG A 8 4.81 -0.70 1.57
N SER A 9 5.91 -0.59 0.84
CA SER A 9 6.72 0.64 0.86
C SER A 9 5.87 1.85 0.54
N GLN A 10 4.93 1.70 -0.38
CA GLN A 10 4.06 2.79 -0.78
C GLN A 10 3.14 3.19 0.37
N CYS A 11 2.52 2.20 1.01
CA CYS A 11 1.61 2.45 2.12
C CYS A 11 2.36 2.99 3.33
N MET A 12 3.60 2.51 3.51
CA MET A 12 4.42 2.96 4.63
C MET A 12 4.78 4.43 4.49
N ARG A 13 5.11 4.84 3.25
CA ARG A 13 5.47 6.24 2.98
C ARG A 13 4.28 7.16 3.24
N ARG A 14 3.09 6.71 2.86
CA ARG A 14 1.87 7.50 3.04
C ARG A 14 1.46 7.53 4.51
N HIS A 15 1.84 6.48 5.25
CA HIS A 15 1.49 6.38 6.66
C HIS A 15 2.76 6.37 7.53
N GLU A 16 3.69 7.26 7.22
CA GLU A 16 4.92 7.37 7.96
C GLU A 16 4.68 7.78 9.41
N ASP A 17 3.57 8.49 9.63
CA ASP A 17 3.21 8.96 10.97
C ASP A 17 2.36 7.91 11.69
N GLU A 18 1.47 7.26 10.94
CA GLU A 18 0.60 6.24 11.51
C GLU A 18 0.75 4.92 10.77
N PRO A 19 1.93 4.29 10.92
CA PRO A 19 2.23 3.00 10.28
C PRO A 19 1.43 1.85 10.86
N TRP A 20 0.67 2.14 11.92
CA TRP A 20 -0.15 1.12 12.58
C TRP A 20 -1.33 0.72 11.68
N ARG A 21 -1.64 1.55 10.71
CA ARG A 21 -2.75 1.28 9.80
C ARG A 21 -2.22 0.86 8.44
N VAL A 22 -0.91 0.65 8.34
CA VAL A 22 -0.29 0.23 7.09
C VAL A 22 -0.96 -1.03 6.53
N GLN A 23 -1.20 -2.00 7.43
CA GLN A 23 -1.85 -3.24 7.02
C GLN A 23 -3.15 -2.99 6.28
N GLU A 24 -4.04 -2.21 6.91
CA GLU A 24 -5.32 -1.90 6.30
C GLU A 24 -5.13 -1.27 4.92
N CYS A 25 -4.04 -0.53 4.75
CA CYS A 25 -3.75 0.11 3.48
C CYS A 25 -3.25 -0.90 2.46
N VAL A 26 -2.34 -1.77 2.89
CA VAL A 26 -1.78 -2.79 2.01
C VAL A 26 -2.84 -3.80 1.58
N SER A 27 -3.71 -4.19 2.52
CA SER A 27 -4.78 -5.13 2.23
C SER A 27 -5.60 -4.68 1.03
N GLN A 28 -5.81 -3.37 0.93
CA GLN A 28 -6.59 -2.82 -0.18
C GLN A 28 -5.76 -2.81 -1.47
N CYS A 29 -4.57 -2.24 -1.39
CA CYS A 29 -3.67 -2.17 -2.55
C CYS A 29 -3.44 -3.54 -3.14
N ARG A 30 -2.96 -4.47 -2.30
CA ARG A 30 -2.69 -5.84 -2.75
C ARG A 30 -3.97 -6.51 -3.25
N ARG A 31 -4.92 -6.74 -2.36
CA ARG A 31 -6.18 -7.38 -2.72
C ARG A 31 -7.01 -6.46 -3.60
N ARG A 32 -8.24 -6.88 -3.88
CA ARG A 32 -9.15 -6.08 -4.71
C ARG A 32 -8.48 -5.71 -6.03
N ARG A 33 -7.65 -6.60 -6.54
CA ARG A 33 -6.94 -6.38 -7.80
C ARG A 33 -7.88 -6.57 -8.99
N GLY A 34 -9.01 -7.22 -8.75
CA GLY A 34 -9.97 -7.47 -9.81
C GLY A 34 -10.33 -6.20 -10.57
N GLY A 35 -10.78 -5.20 -9.83
CA GLY A 35 -11.17 -3.94 -10.45
C GLY A 35 -11.64 -2.90 -9.44
N GLY A 36 -12.94 -2.67 -9.41
CA GLY A 36 -13.51 -1.70 -8.49
C GLY A 36 -13.42 -0.29 -9.00
N ASP A 37 -13.60 0.68 -8.11
CA ASP A 37 -13.55 2.10 -8.49
C ASP A 37 -12.24 2.72 -8.00
N GLY A 1 9.12 -3.91 -14.56
CA GLY A 1 9.55 -3.97 -13.17
C GLY A 1 10.79 -3.11 -12.92
N SER A 2 10.78 -1.91 -13.49
CA SER A 2 11.91 -1.00 -13.33
C SER A 2 11.90 -0.36 -11.94
N GLY A 3 13.08 -0.05 -11.43
CA GLY A 3 13.19 0.56 -10.12
C GLY A 3 12.61 -0.31 -9.03
N ARG A 4 12.03 0.32 -8.01
CA ARG A 4 11.43 -0.40 -6.90
C ARG A 4 10.05 0.14 -6.57
N GLY A 5 9.16 -0.76 -6.14
CA GLY A 5 7.81 -0.36 -5.80
C GLY A 5 6.98 -1.50 -5.26
N SER A 6 6.28 -1.25 -4.15
CA SER A 6 5.45 -2.27 -3.53
C SER A 6 4.35 -1.64 -2.69
N CYS A 7 3.20 -2.32 -2.61
CA CYS A 7 2.06 -1.82 -1.84
C CYS A 7 2.46 -1.55 -0.40
N ARG A 8 3.49 -2.25 0.07
CA ARG A 8 3.97 -2.07 1.44
C ARG A 8 4.73 -0.76 1.57
N SER A 9 5.85 -0.65 0.88
CA SER A 9 6.68 0.55 0.94
C SER A 9 5.85 1.79 0.62
N GLN A 10 4.93 1.66 -0.32
CA GLN A 10 4.07 2.76 -0.72
C GLN A 10 3.13 3.17 0.43
N CYS A 11 2.49 2.19 1.03
CA CYS A 11 1.57 2.44 2.13
C CYS A 11 2.32 2.93 3.37
N MET A 12 3.57 2.49 3.49
CA MET A 12 4.40 2.89 4.62
C MET A 12 4.74 4.38 4.57
N ARG A 13 5.17 4.83 3.39
CA ARG A 13 5.53 6.22 3.19
C ARG A 13 4.31 7.13 3.35
N ARG A 14 3.16 6.63 2.91
CA ARG A 14 1.92 7.41 3.00
C ARG A 14 1.43 7.46 4.45
N HIS A 15 1.77 6.45 5.22
CA HIS A 15 1.36 6.39 6.62
C HIS A 15 2.57 6.40 7.55
N GLU A 16 3.56 7.23 7.21
CA GLU A 16 4.77 7.34 8.01
C GLU A 16 4.45 7.89 9.41
N ASP A 17 3.35 8.61 9.52
CA ASP A 17 2.95 9.18 10.80
C ASP A 17 2.15 8.18 11.61
N GLU A 18 1.50 7.23 10.91
CA GLU A 18 0.71 6.20 11.57
C GLU A 18 0.89 4.86 10.88
N PRO A 19 2.07 4.25 11.05
CA PRO A 19 2.40 2.95 10.46
C PRO A 19 1.61 1.81 11.10
N TRP A 20 0.87 2.13 12.16
CA TRP A 20 0.06 1.13 12.86
C TRP A 20 -1.23 0.84 12.10
N ARG A 21 -1.32 1.34 10.87
CA ARG A 21 -2.51 1.15 10.04
C ARG A 21 -2.12 0.86 8.60
N VAL A 22 -0.82 0.65 8.36
CA VAL A 22 -0.32 0.36 7.03
C VAL A 22 -0.98 -0.89 6.45
N GLN A 23 -1.15 -1.90 7.30
CA GLN A 23 -1.77 -3.15 6.88
C GLN A 23 -3.10 -2.89 6.18
N GLU A 24 -3.93 -2.05 6.80
CA GLU A 24 -5.24 -1.73 6.22
C GLU A 24 -5.09 -1.17 4.82
N CYS A 25 -4.01 -0.41 4.60
CA CYS A 25 -3.75 0.19 3.29
C CYS A 25 -3.26 -0.86 2.29
N VAL A 26 -2.34 -1.71 2.74
CA VAL A 26 -1.80 -2.75 1.89
C VAL A 26 -2.88 -3.76 1.50
N SER A 27 -3.72 -4.13 2.46
CA SER A 27 -4.79 -5.08 2.21
C SER A 27 -5.62 -4.67 1.00
N GLN A 28 -5.84 -3.37 0.86
CA GLN A 28 -6.62 -2.83 -0.26
C GLN A 28 -5.82 -2.86 -1.55
N CYS A 29 -4.62 -2.30 -1.49
CA CYS A 29 -3.74 -2.25 -2.66
C CYS A 29 -3.52 -3.66 -3.23
N ARG A 30 -3.03 -4.56 -2.37
CA ARG A 30 -2.77 -5.93 -2.77
C ARG A 30 -4.05 -6.61 -3.27
N ARG A 31 -5.17 -6.26 -2.66
CA ARG A 31 -6.46 -6.84 -3.03
C ARG A 31 -6.74 -6.61 -4.51
N ARG A 32 -7.60 -7.46 -5.09
CA ARG A 32 -7.95 -7.33 -6.50
C ARG A 32 -6.69 -7.34 -7.37
N ARG A 33 -6.00 -8.47 -7.38
CA ARG A 33 -4.78 -8.61 -8.17
C ARG A 33 -5.12 -9.00 -9.60
N GLY A 34 -6.34 -9.48 -9.82
CA GLY A 34 -6.76 -9.89 -11.14
C GLY A 34 -8.26 -9.98 -11.28
N GLY A 35 -8.72 -10.25 -12.49
CA GLY A 35 -10.16 -10.34 -12.73
C GLY A 35 -10.49 -10.47 -14.20
N GLY A 36 -10.83 -9.34 -14.83
CA GLY A 36 -11.18 -9.35 -16.23
C GLY A 36 -10.01 -8.94 -17.12
N ASP A 37 -10.19 -9.10 -18.42
CA ASP A 37 -9.13 -8.75 -19.38
C ASP A 37 -9.72 -7.94 -20.55
N GLY A 1 5.88 -2.45 -17.83
CA GLY A 1 6.79 -1.80 -16.91
C GLY A 1 6.60 -2.26 -15.49
N SER A 2 7.61 -2.90 -14.92
CA SER A 2 7.55 -3.40 -13.56
C SER A 2 8.95 -3.52 -12.96
N GLY A 3 9.43 -2.43 -12.36
CA GLY A 3 10.75 -2.43 -11.76
C GLY A 3 10.69 -2.46 -10.24
N ARG A 4 10.45 -1.27 -9.66
CA ARG A 4 10.37 -1.15 -8.20
C ARG A 4 8.96 -0.77 -7.76
N GLY A 5 8.77 -0.63 -6.45
CA GLY A 5 7.48 -0.26 -5.92
C GLY A 5 6.76 -1.42 -5.29
N SER A 6 6.09 -1.17 -4.16
CA SER A 6 5.36 -2.21 -3.45
C SER A 6 4.25 -1.62 -2.61
N CYS A 7 3.13 -2.33 -2.50
CA CYS A 7 1.99 -1.87 -1.74
C CYS A 7 2.40 -1.57 -0.29
N ARG A 8 3.43 -2.26 0.18
CA ARG A 8 3.93 -2.08 1.54
C ARG A 8 4.67 -0.76 1.67
N SER A 9 5.78 -0.62 0.95
CA SER A 9 6.58 0.59 0.99
C SER A 9 5.72 1.82 0.69
N GLN A 10 4.80 1.66 -0.25
CA GLN A 10 3.91 2.76 -0.65
C GLN A 10 3.02 3.18 0.51
N CYS A 11 2.41 2.18 1.15
CA CYS A 11 1.52 2.45 2.28
C CYS A 11 2.31 2.92 3.50
N MET A 12 3.59 2.54 3.56
CA MET A 12 4.45 2.92 4.67
C MET A 12 4.82 4.40 4.58
N ARG A 13 5.16 4.84 3.39
CA ARG A 13 5.54 6.24 3.17
C ARG A 13 4.33 7.16 3.34
N ARG A 14 3.17 6.69 2.92
CA ARG A 14 1.93 7.47 3.03
C ARG A 14 1.49 7.57 4.49
N HIS A 15 1.84 6.56 5.28
CA HIS A 15 1.46 6.53 6.69
C HIS A 15 2.69 6.54 7.58
N GLU A 16 3.63 7.44 7.29
CA GLU A 16 4.86 7.54 8.07
C GLU A 16 4.57 7.94 9.50
N ASP A 17 3.46 8.64 9.71
CA ASP A 17 3.07 9.09 11.03
C ASP A 17 2.27 8.01 11.76
N GLU A 18 1.58 7.17 10.98
CA GLU A 18 0.78 6.09 11.55
C GLU A 18 0.95 4.80 10.74
N PRO A 19 2.15 4.20 10.83
CA PRO A 19 2.47 2.96 10.11
C PRO A 19 1.71 1.76 10.67
N TRP A 20 1.00 1.97 11.77
CA TRP A 20 0.23 0.90 12.41
C TRP A 20 -1.04 0.60 11.61
N ARG A 21 -1.40 1.51 10.69
CA ARG A 21 -2.58 1.34 9.87
C ARG A 21 -2.20 0.96 8.45
N VAL A 22 -0.90 0.82 8.21
CA VAL A 22 -0.41 0.46 6.88
C VAL A 22 -1.05 -0.84 6.40
N GLN A 23 -1.30 -1.75 7.33
CA GLN A 23 -1.90 -3.04 7.01
C GLN A 23 -3.21 -2.84 6.23
N GLU A 24 -4.13 -2.09 6.82
CA GLU A 24 -5.41 -1.83 6.18
C GLU A 24 -5.22 -1.24 4.79
N CYS A 25 -4.15 -0.48 4.61
CA CYS A 25 -3.85 0.14 3.32
C CYS A 25 -3.33 -0.89 2.34
N VAL A 26 -2.39 -1.73 2.81
CA VAL A 26 -1.81 -2.76 1.96
C VAL A 26 -2.85 -3.80 1.54
N SER A 27 -3.71 -4.18 2.48
CA SER A 27 -4.75 -5.17 2.21
C SER A 27 -5.57 -4.77 0.99
N GLN A 28 -5.81 -3.47 0.85
CA GLN A 28 -6.59 -2.96 -0.28
C GLN A 28 -5.75 -2.96 -1.56
N CYS A 29 -4.57 -2.37 -1.49
CA CYS A 29 -3.67 -2.30 -2.64
C CYS A 29 -3.40 -3.70 -3.19
N ARG A 30 -2.93 -4.59 -2.32
CA ARG A 30 -2.61 -5.96 -2.72
C ARG A 30 -3.86 -6.66 -3.26
N ARG A 31 -5.02 -6.27 -2.72
CA ARG A 31 -6.29 -6.87 -3.15
C ARG A 31 -6.58 -6.56 -4.61
N ARG A 32 -6.52 -7.58 -5.46
CA ARG A 32 -6.78 -7.39 -6.88
C ARG A 32 -5.88 -6.31 -7.47
N ARG A 33 -4.58 -6.48 -7.34
CA ARG A 33 -3.61 -5.52 -7.85
C ARG A 33 -3.50 -5.63 -9.36
N GLY A 34 -3.98 -6.73 -9.91
CA GLY A 34 -3.91 -6.95 -11.35
C GLY A 34 -4.78 -5.96 -12.12
N GLY A 35 -5.91 -5.59 -11.54
CA GLY A 35 -6.80 -4.65 -12.20
C GLY A 35 -8.26 -4.97 -11.96
N GLY A 36 -8.71 -4.82 -10.71
CA GLY A 36 -10.09 -5.11 -10.38
C GLY A 36 -10.95 -3.86 -10.31
N ASP A 37 -12.25 -4.05 -10.16
CA ASP A 37 -13.19 -2.93 -10.08
C ASP A 37 -14.29 -3.21 -9.07
N GLY A 1 13.73 3.45 -13.15
CA GLY A 1 12.35 3.24 -12.77
C GLY A 1 11.72 4.46 -12.16
N SER A 2 11.82 4.59 -10.84
CA SER A 2 11.25 5.74 -10.13
C SER A 2 9.73 5.80 -10.34
N GLY A 3 9.01 4.92 -9.65
CA GLY A 3 7.56 4.90 -9.77
C GLY A 3 6.94 3.78 -8.96
N ARG A 4 6.53 2.72 -9.64
CA ARG A 4 5.90 1.57 -8.98
C ARG A 4 6.92 0.82 -8.13
N GLY A 5 6.50 0.38 -6.94
CA GLY A 5 7.40 -0.35 -6.07
C GLY A 5 6.70 -1.50 -5.37
N SER A 6 6.05 -1.21 -4.25
CA SER A 6 5.34 -2.24 -3.48
C SER A 6 4.23 -1.61 -2.65
N CYS A 7 3.12 -2.35 -2.50
CA CYS A 7 1.99 -1.87 -1.74
C CYS A 7 2.39 -1.58 -0.30
N ARG A 8 3.41 -2.27 0.18
CA ARG A 8 3.91 -2.08 1.54
C ARG A 8 4.65 -0.76 1.67
N SER A 9 5.77 -0.63 0.96
CA SER A 9 6.57 0.58 0.99
C SER A 9 5.72 1.81 0.69
N GLN A 10 4.81 1.66 -0.26
CA GLN A 10 3.92 2.76 -0.65
C GLN A 10 3.03 3.18 0.52
N CYS A 11 2.42 2.19 1.16
CA CYS A 11 1.52 2.45 2.28
C CYS A 11 2.31 2.93 3.51
N MET A 12 3.59 2.54 3.56
CA MET A 12 4.44 2.93 4.68
C MET A 12 4.81 4.40 4.59
N ARG A 13 5.16 4.85 3.38
CA ARG A 13 5.54 6.25 3.18
C ARG A 13 4.33 7.18 3.35
N ARG A 14 3.16 6.69 2.93
CA ARG A 14 1.94 7.48 3.04
C ARG A 14 1.49 7.57 4.49
N HIS A 15 1.82 6.56 5.29
CA HIS A 15 1.45 6.54 6.70
C HIS A 15 2.70 6.54 7.58
N GLU A 16 3.63 7.45 7.28
CA GLU A 16 4.86 7.55 8.06
C GLU A 16 4.57 7.94 9.51
N ASP A 17 3.45 8.65 9.70
CA ASP A 17 3.07 9.10 11.04
C ASP A 17 2.27 8.01 11.76
N GLU A 18 1.59 7.17 10.97
CA GLU A 18 0.79 6.09 11.54
C GLU A 18 0.95 4.80 10.74
N PRO A 19 2.15 4.20 10.82
CA PRO A 19 2.46 2.96 10.11
C PRO A 19 1.71 1.76 10.67
N TRP A 20 1.00 1.97 11.77
CA TRP A 20 0.23 0.91 12.40
C TRP A 20 -1.04 0.61 11.60
N ARG A 21 -1.39 1.51 10.70
CA ARG A 21 -2.57 1.34 9.88
C ARG A 21 -2.20 0.96 8.45
N VAL A 22 -0.91 0.83 8.20
CA VAL A 22 -0.40 0.46 6.87
C VAL A 22 -1.04 -0.83 6.40
N GLN A 23 -1.29 -1.74 7.34
CA GLN A 23 -1.90 -3.04 7.00
C GLN A 23 -3.20 -2.84 6.23
N GLU A 24 -4.12 -2.08 6.81
CA GLU A 24 -5.42 -1.82 6.18
C GLU A 24 -5.22 -1.24 4.79
N CYS A 25 -4.14 -0.48 4.61
CA CYS A 25 -3.85 0.14 3.32
C CYS A 25 -3.32 -0.89 2.34
N VAL A 26 -2.39 -1.74 2.80
CA VAL A 26 -1.79 -2.76 1.95
C VAL A 26 -2.85 -3.80 1.54
N SER A 27 -3.70 -4.19 2.48
CA SER A 27 -4.74 -5.16 2.22
C SER A 27 -5.57 -4.77 0.99
N GLN A 28 -5.82 -3.47 0.85
CA GLN A 28 -6.59 -2.96 -0.27
C GLN A 28 -5.76 -2.97 -1.56
N CYS A 29 -4.57 -2.37 -1.49
CA CYS A 29 -3.68 -2.30 -2.64
C CYS A 29 -3.41 -3.69 -3.20
N ARG A 30 -2.92 -4.58 -2.33
CA ARG A 30 -2.63 -5.96 -2.73
C ARG A 30 -3.86 -6.65 -3.26
N ARG A 31 -5.02 -6.33 -2.68
CA ARG A 31 -6.27 -6.94 -3.08
C ARG A 31 -6.54 -6.68 -4.57
N ARG A 32 -7.34 -7.55 -5.17
CA ARG A 32 -7.68 -7.42 -6.58
C ARG A 32 -8.95 -8.20 -6.91
N ARG A 33 -9.81 -8.36 -5.92
CA ARG A 33 -11.07 -9.09 -6.10
C ARG A 33 -12.13 -8.18 -6.73
N GLY A 34 -11.88 -6.88 -6.71
CA GLY A 34 -12.82 -5.94 -7.29
C GLY A 34 -12.35 -5.38 -8.60
N GLY A 35 -12.99 -4.29 -9.05
CA GLY A 35 -12.61 -3.68 -10.30
C GLY A 35 -13.69 -2.76 -10.85
N GLY A 36 -14.16 -1.85 -10.00
CA GLY A 36 -15.20 -0.91 -10.42
C GLY A 36 -14.63 0.29 -11.14
N ASP A 37 -15.27 1.44 -10.94
CA ASP A 37 -14.82 2.67 -11.59
C ASP A 37 -13.77 3.37 -10.74
N GLY A 1 4.21 10.06 -14.20
CA GLY A 1 5.27 9.07 -14.16
C GLY A 1 4.75 7.66 -14.08
N SER A 2 5.66 6.70 -13.94
CA SER A 2 5.28 5.29 -13.84
C SER A 2 6.27 4.52 -12.98
N GLY A 3 6.02 4.49 -11.68
CA GLY A 3 6.90 3.78 -10.76
C GLY A 3 6.24 2.55 -10.16
N ARG A 4 6.92 1.42 -10.27
CA ARG A 4 6.41 0.15 -9.73
C ARG A 4 7.25 -0.31 -8.56
N GLY A 5 6.73 -0.11 -7.34
CA GLY A 5 7.45 -0.52 -6.15
C GLY A 5 6.75 -1.65 -5.42
N SER A 6 6.09 -1.31 -4.31
CA SER A 6 5.37 -2.30 -3.51
C SER A 6 4.25 -1.64 -2.71
N CYS A 7 3.17 -2.38 -2.53
CA CYS A 7 2.01 -1.87 -1.78
C CYS A 7 2.41 -1.56 -0.34
N ARG A 8 3.42 -2.26 0.17
CA ARG A 8 3.90 -2.06 1.52
C ARG A 8 4.67 -0.76 1.65
N SER A 9 5.81 -0.69 0.96
CA SER A 9 6.65 0.50 0.99
C SER A 9 5.84 1.76 0.68
N GLN A 10 4.88 1.61 -0.23
CA GLN A 10 4.03 2.74 -0.62
C GLN A 10 3.13 3.17 0.53
N CYS A 11 2.41 2.21 1.11
CA CYS A 11 1.52 2.47 2.22
C CYS A 11 2.28 2.95 3.44
N MET A 12 3.53 2.51 3.56
CA MET A 12 4.38 2.89 4.68
C MET A 12 4.75 4.37 4.60
N ARG A 13 5.17 4.79 3.43
CA ARG A 13 5.56 6.20 3.21
C ARG A 13 4.36 7.12 3.35
N ARG A 14 3.19 6.65 2.90
CA ARG A 14 1.98 7.44 2.98
C ARG A 14 1.49 7.54 4.42
N HIS A 15 1.83 6.56 5.23
CA HIS A 15 1.43 6.53 6.64
C HIS A 15 2.65 6.56 7.55
N GLU A 16 3.57 7.49 7.29
CA GLU A 16 4.77 7.61 8.09
C GLU A 16 4.44 8.03 9.52
N ASP A 17 3.29 8.70 9.68
CA ASP A 17 2.86 9.16 11.00
C ASP A 17 2.15 8.03 11.75
N GLU A 18 1.51 7.14 11.00
CA GLU A 18 0.78 6.02 11.61
C GLU A 18 0.98 4.74 10.79
N PRO A 19 2.18 4.16 10.89
CA PRO A 19 2.53 2.92 10.16
C PRO A 19 1.77 1.71 10.70
N TRP A 20 1.07 1.90 11.80
CA TRP A 20 0.31 0.82 12.42
C TRP A 20 -0.97 0.54 11.62
N ARG A 21 -1.34 1.47 10.74
CA ARG A 21 -2.53 1.32 9.92
C ARG A 21 -2.16 0.96 8.49
N VAL A 22 -0.86 0.84 8.22
CA VAL A 22 -0.38 0.50 6.90
C VAL A 22 -1.02 -0.79 6.39
N GLN A 23 -1.26 -1.73 7.31
CA GLN A 23 -1.86 -3.00 6.96
C GLN A 23 -3.17 -2.80 6.21
N GLU A 24 -4.08 -2.03 6.81
CA GLU A 24 -5.37 -1.76 6.20
C GLU A 24 -5.20 -1.18 4.79
N CYS A 25 -4.12 -0.43 4.60
CA CYS A 25 -3.84 0.19 3.30
C CYS A 25 -3.31 -0.86 2.31
N VAL A 26 -2.39 -1.70 2.77
CA VAL A 26 -1.82 -2.73 1.93
C VAL A 26 -2.87 -3.77 1.53
N SER A 27 -3.71 -4.14 2.49
CA SER A 27 -4.76 -5.12 2.25
C SER A 27 -5.58 -4.75 1.01
N GLN A 28 -5.84 -3.44 0.87
CA GLN A 28 -6.61 -2.94 -0.25
C GLN A 28 -5.79 -2.96 -1.54
N CYS A 29 -4.61 -2.36 -1.48
CA CYS A 29 -3.72 -2.30 -2.64
C CYS A 29 -3.45 -3.71 -3.19
N ARG A 30 -2.98 -4.58 -2.33
CA ARG A 30 -2.67 -5.96 -2.72
C ARG A 30 -3.93 -6.68 -3.20
N ARG A 31 -4.86 -6.92 -2.27
CA ARG A 31 -6.11 -7.58 -2.60
C ARG A 31 -6.99 -6.70 -3.48
N ARG A 32 -8.24 -7.14 -3.67
CA ARG A 32 -9.18 -6.38 -4.49
C ARG A 32 -10.60 -6.97 -4.36
N ARG A 33 -11.23 -6.72 -3.22
CA ARG A 33 -12.57 -7.23 -2.98
C ARG A 33 -13.61 -6.18 -3.34
N GLY A 34 -13.39 -5.48 -4.46
CA GLY A 34 -14.31 -4.46 -4.90
C GLY A 34 -13.96 -3.91 -6.26
N GLY A 35 -13.37 -2.71 -6.28
CA GLY A 35 -12.99 -2.09 -7.54
C GLY A 35 -12.21 -0.81 -7.33
N GLY A 36 -12.66 0.01 -6.39
CA GLY A 36 -11.98 1.27 -6.11
C GLY A 36 -11.86 1.55 -4.63
N ASP A 37 -12.16 2.78 -4.25
CA ASP A 37 -12.10 3.18 -2.85
C ASP A 37 -10.77 2.75 -2.21
N GLY A 1 3.74 -3.92 -13.56
CA GLY A 1 4.68 -3.24 -14.43
C GLY A 1 5.99 -2.95 -13.73
N SER A 2 7.09 -3.00 -14.48
CA SER A 2 8.41 -2.74 -13.92
C SER A 2 8.43 -1.42 -13.17
N GLY A 3 9.25 -1.34 -12.13
CA GLY A 3 9.34 -0.11 -11.34
C GLY A 3 9.59 -0.40 -9.87
N ARG A 4 9.55 0.65 -9.05
CA ARG A 4 9.79 0.53 -7.62
C ARG A 4 8.71 1.26 -6.83
N GLY A 5 7.99 0.53 -5.99
CA GLY A 5 6.95 1.13 -5.18
C GLY A 5 5.88 0.12 -4.77
N SER A 6 6.30 -0.93 -4.09
CA SER A 6 5.37 -1.97 -3.64
C SER A 6 4.30 -1.39 -2.73
N CYS A 7 3.16 -2.07 -2.67
CA CYS A 7 2.05 -1.61 -1.83
C CYS A 7 2.52 -1.37 -0.40
N ARG A 8 3.45 -2.21 0.07
CA ARG A 8 3.98 -2.08 1.42
C ARG A 8 4.72 -0.77 1.61
N SER A 9 5.83 -0.61 0.86
CA SER A 9 6.63 0.60 0.95
C SER A 9 5.79 1.84 0.64
N GLN A 10 4.85 1.70 -0.30
CA GLN A 10 3.99 2.80 -0.68
C GLN A 10 3.06 3.18 0.47
N CYS A 11 2.47 2.18 1.12
CA CYS A 11 1.57 2.41 2.24
C CYS A 11 2.33 2.88 3.46
N MET A 12 3.57 2.43 3.60
CA MET A 12 4.41 2.82 4.74
C MET A 12 4.79 4.29 4.65
N ARG A 13 5.18 4.72 3.46
CA ARG A 13 5.59 6.11 3.25
C ARG A 13 4.40 7.04 3.37
N ARG A 14 3.24 6.58 2.92
CA ARG A 14 2.02 7.38 2.99
C ARG A 14 1.51 7.50 4.42
N HIS A 15 1.86 6.51 5.25
CA HIS A 15 1.45 6.51 6.65
C HIS A 15 2.66 6.55 7.58
N GLU A 16 3.58 7.47 7.30
CA GLU A 16 4.78 7.63 8.11
C GLU A 16 4.44 8.05 9.53
N ASP A 17 3.31 8.71 9.69
CA ASP A 17 2.85 9.18 11.00
C ASP A 17 2.14 8.07 11.74
N GLU A 18 1.51 7.17 11.02
CA GLU A 18 0.77 6.05 11.62
C GLU A 18 0.97 4.77 10.80
N PRO A 19 2.17 4.18 10.91
CA PRO A 19 2.51 2.94 10.20
C PRO A 19 1.75 1.74 10.73
N TRP A 20 1.04 1.93 11.84
CA TRP A 20 0.27 0.86 12.45
C TRP A 20 -1.00 0.58 11.66
N ARG A 21 -1.36 1.50 10.77
CA ARG A 21 -2.56 1.35 9.95
C ARG A 21 -2.18 0.99 8.52
N VAL A 22 -0.89 0.86 8.25
CA VAL A 22 -0.40 0.51 6.93
C VAL A 22 -1.06 -0.79 6.43
N GLN A 23 -1.30 -1.71 7.35
CA GLN A 23 -1.93 -2.99 7.00
C GLN A 23 -3.22 -2.76 6.24
N GLU A 24 -4.12 -1.96 6.80
CA GLU A 24 -5.40 -1.68 6.17
C GLU A 24 -5.20 -1.14 4.74
N CYS A 25 -4.09 -0.41 4.55
CA CYS A 25 -3.79 0.17 3.25
C CYS A 25 -3.28 -0.90 2.30
N VAL A 26 -2.36 -1.74 2.79
CA VAL A 26 -1.80 -2.81 1.97
C VAL A 26 -2.85 -3.84 1.59
N SER A 27 -3.73 -4.15 2.53
CA SER A 27 -4.79 -5.13 2.29
C SER A 27 -5.60 -4.76 1.05
N GLN A 28 -5.80 -3.46 0.85
CA GLN A 28 -6.56 -2.98 -0.29
C GLN A 28 -5.72 -3.05 -1.57
N CYS A 29 -4.56 -2.41 -1.54
CA CYS A 29 -3.66 -2.40 -2.68
C CYS A 29 -3.35 -3.83 -3.15
N ARG A 30 -3.27 -4.74 -2.19
CA ARG A 30 -2.97 -6.14 -2.50
C ARG A 30 -3.94 -6.69 -3.54
N ARG A 31 -5.23 -6.63 -3.23
CA ARG A 31 -6.25 -7.12 -4.16
C ARG A 31 -6.13 -6.44 -5.52
N ARG A 32 -6.92 -6.92 -6.48
CA ARG A 32 -6.90 -6.35 -7.82
C ARG A 32 -7.84 -5.16 -7.93
N ARG A 33 -7.82 -4.29 -6.92
CA ARG A 33 -8.67 -3.11 -6.90
C ARG A 33 -8.14 -2.04 -7.85
N GLY A 34 -6.89 -2.20 -8.26
CA GLY A 34 -6.27 -1.24 -9.17
C GLY A 34 -6.18 -1.77 -10.59
N GLY A 35 -5.00 -1.63 -11.19
CA GLY A 35 -4.80 -2.09 -12.54
C GLY A 35 -3.40 -1.82 -13.06
N GLY A 36 -2.98 -0.57 -12.97
CA GLY A 36 -1.65 -0.19 -13.43
C GLY A 36 -1.63 0.10 -14.91
N ASP A 37 -0.85 1.12 -15.30
CA ASP A 37 -0.74 1.50 -16.70
C ASP A 37 0.24 0.59 -17.43
N GLY A 1 15.19 -1.46 -8.48
CA GLY A 1 15.58 -0.32 -7.66
C GLY A 1 14.55 0.79 -7.67
N SER A 2 14.56 1.59 -8.73
CA SER A 2 13.61 2.70 -8.85
C SER A 2 12.69 2.50 -10.06
N GLY A 3 11.40 2.38 -9.79
CA GLY A 3 10.44 2.19 -10.86
C GLY A 3 9.09 1.69 -10.36
N ARG A 4 9.01 0.38 -10.12
CA ARG A 4 7.77 -0.22 -9.64
C ARG A 4 7.72 -0.20 -8.11
N GLY A 5 6.67 0.42 -7.57
CA GLY A 5 6.52 0.51 -6.13
C GLY A 5 5.51 -0.49 -5.60
N SER A 6 5.91 -1.25 -4.59
CA SER A 6 5.03 -2.25 -4.00
C SER A 6 3.87 -1.57 -3.25
N CYS A 7 3.12 -2.37 -2.49
CA CYS A 7 2.00 -1.85 -1.74
C CYS A 7 2.40 -1.57 -0.29
N ARG A 8 3.42 -2.27 0.18
CA ARG A 8 3.91 -2.08 1.55
C ARG A 8 4.66 -0.77 1.69
N SER A 9 5.78 -0.66 0.98
CA SER A 9 6.60 0.55 1.03
C SER A 9 5.77 1.78 0.67
N GLN A 10 4.84 1.61 -0.27
CA GLN A 10 3.99 2.72 -0.70
C GLN A 10 3.06 3.16 0.42
N CYS A 11 2.44 2.18 1.09
CA CYS A 11 1.52 2.48 2.19
C CYS A 11 2.29 2.97 3.41
N MET A 12 3.54 2.53 3.55
CA MET A 12 4.38 2.93 4.67
C MET A 12 4.76 4.40 4.57
N ARG A 13 5.17 4.81 3.38
CA ARG A 13 5.56 6.20 3.15
C ARG A 13 4.38 7.14 3.30
N ARG A 14 3.21 6.67 2.88
CA ARG A 14 1.99 7.47 2.96
C ARG A 14 1.50 7.56 4.41
N HIS A 15 1.85 6.56 5.20
CA HIS A 15 1.43 6.53 6.60
C HIS A 15 2.66 6.54 7.52
N GLU A 16 3.58 7.45 7.26
CA GLU A 16 4.80 7.55 8.07
C GLU A 16 4.47 7.97 9.50
N ASP A 17 3.34 8.65 9.67
CA ASP A 17 2.91 9.10 10.99
C ASP A 17 2.20 7.98 11.74
N GLU A 18 1.47 7.14 11.00
CA GLU A 18 0.73 6.03 11.60
C GLU A 18 0.95 4.75 10.79
N PRO A 19 2.14 4.16 10.92
CA PRO A 19 2.50 2.92 10.22
C PRO A 19 1.72 1.72 10.75
N TRP A 20 1.00 1.91 11.83
CA TRP A 20 0.23 0.83 12.44
C TRP A 20 -1.04 0.56 11.64
N ARG A 21 -1.38 1.48 10.74
CA ARG A 21 -2.56 1.33 9.90
C ARG A 21 -2.18 0.96 8.47
N VAL A 22 -0.87 0.83 8.23
CA VAL A 22 -0.36 0.47 6.91
C VAL A 22 -1.00 -0.81 6.41
N GLN A 23 -1.24 -1.75 7.32
CA GLN A 23 -1.85 -3.03 6.98
C GLN A 23 -3.16 -2.82 6.22
N GLU A 24 -4.07 -2.06 6.83
CA GLU A 24 -5.36 -1.78 6.21
C GLU A 24 -5.19 -1.21 4.82
N CYS A 25 -4.12 -0.44 4.61
CA CYS A 25 -3.84 0.18 3.33
C CYS A 25 -3.30 -0.85 2.34
N VAL A 26 -2.37 -1.70 2.79
CA VAL A 26 -1.80 -2.72 1.95
C VAL A 26 -2.84 -3.76 1.54
N SER A 27 -3.69 -4.15 2.49
CA SER A 27 -4.73 -5.13 2.24
C SER A 27 -5.56 -4.73 1.02
N GLN A 28 -5.81 -3.43 0.88
CA GLN A 28 -6.59 -2.92 -0.25
C GLN A 28 -5.77 -2.94 -1.53
N CYS A 29 -4.60 -2.34 -1.48
CA CYS A 29 -3.71 -2.27 -2.64
C CYS A 29 -3.43 -3.67 -3.18
N ARG A 30 -2.95 -4.55 -2.32
CA ARG A 30 -2.64 -5.91 -2.71
C ARG A 30 -3.89 -6.62 -3.24
N ARG A 31 -5.05 -6.26 -2.68
CA ARG A 31 -6.31 -6.86 -3.09
C ARG A 31 -6.61 -6.57 -4.55
N ARG A 32 -7.31 -7.50 -5.20
CA ARG A 32 -7.65 -7.34 -6.61
C ARG A 32 -8.96 -6.55 -6.76
N ARG A 33 -9.39 -5.91 -5.68
CA ARG A 33 -10.62 -5.13 -5.70
C ARG A 33 -10.32 -3.67 -5.97
N GLY A 34 -9.20 -3.39 -6.64
CA GLY A 34 -8.83 -2.03 -6.94
C GLY A 34 -8.05 -1.92 -8.25
N GLY A 35 -7.84 -0.70 -8.71
CA GLY A 35 -7.11 -0.48 -9.94
C GLY A 35 -7.99 -0.54 -11.16
N GLY A 36 -9.23 -0.07 -11.01
CA GLY A 36 -10.16 -0.06 -12.13
C GLY A 36 -10.26 1.28 -12.81
N ASP A 37 -10.96 1.33 -13.93
CA ASP A 37 -11.13 2.58 -14.67
C ASP A 37 -12.58 2.77 -15.07
N GLY A 1 3.61 -2.62 -10.53
CA GLY A 1 2.23 -2.72 -10.10
C GLY A 1 1.67 -1.39 -9.62
N SER A 2 0.79 -0.79 -10.40
CA SER A 2 0.20 0.50 -10.04
C SER A 2 1.28 1.53 -9.73
N GLY A 3 2.33 1.55 -10.54
CA GLY A 3 3.42 2.49 -10.33
C GLY A 3 4.63 1.83 -9.72
N ARG A 4 4.95 0.63 -10.19
CA ARG A 4 6.11 -0.11 -9.69
C ARG A 4 6.16 -0.04 -8.16
N GLY A 5 7.32 -0.39 -7.60
CA GLY A 5 7.48 -0.37 -6.17
C GLY A 5 6.76 -1.50 -5.48
N SER A 6 6.10 -1.21 -4.36
CA SER A 6 5.36 -2.22 -3.62
C SER A 6 4.24 -1.58 -2.80
N CYS A 7 3.16 -2.33 -2.62
CA CYS A 7 2.01 -1.84 -1.87
C CYS A 7 2.40 -1.54 -0.42
N ARG A 8 3.42 -2.25 0.06
CA ARG A 8 3.89 -2.05 1.44
C ARG A 8 4.66 -0.75 1.57
N SER A 9 5.79 -0.66 0.88
CA SER A 9 6.62 0.54 0.92
C SER A 9 5.79 1.79 0.61
N GLN A 10 4.84 1.64 -0.29
CA GLN A 10 3.98 2.76 -0.68
C GLN A 10 3.09 3.18 0.48
N CYS A 11 2.38 2.23 1.07
CA CYS A 11 1.50 2.50 2.19
C CYS A 11 2.29 2.93 3.42
N MET A 12 3.54 2.52 3.49
CA MET A 12 4.41 2.88 4.61
C MET A 12 4.80 4.34 4.55
N ARG A 13 5.18 4.81 3.37
CA ARG A 13 5.59 6.20 3.18
C ARG A 13 4.40 7.13 3.35
N ARG A 14 3.23 6.69 2.90
CA ARG A 14 2.02 7.49 2.99
C ARG A 14 1.55 7.58 4.44
N HIS A 15 1.86 6.57 5.23
CA HIS A 15 1.46 6.54 6.64
C HIS A 15 2.70 6.51 7.54
N GLU A 16 3.62 7.44 7.30
CA GLU A 16 4.85 7.52 8.10
C GLU A 16 4.53 7.89 9.54
N ASP A 17 3.41 8.57 9.75
CA ASP A 17 2.99 8.99 11.07
C ASP A 17 2.28 7.85 11.80
N GLU A 18 1.39 7.16 11.08
CA GLU A 18 0.63 6.07 11.65
C GLU A 18 0.86 4.78 10.86
N PRO A 19 2.04 4.18 11.03
CA PRO A 19 2.42 2.94 10.33
C PRO A 19 1.63 1.74 10.84
N TRP A 20 0.88 1.94 11.92
CA TRP A 20 0.07 0.87 12.49
C TRP A 20 -1.16 0.60 11.64
N ARG A 21 -1.48 1.53 10.74
CA ARG A 21 -2.64 1.39 9.87
C ARG A 21 -2.21 1.02 8.45
N VAL A 22 -0.90 0.88 8.25
CA VAL A 22 -0.36 0.52 6.94
C VAL A 22 -1.01 -0.75 6.41
N GLN A 23 -1.15 -1.75 7.28
CA GLN A 23 -1.75 -3.02 6.90
C GLN A 23 -3.08 -2.81 6.20
N GLU A 24 -3.91 -1.94 6.77
CA GLU A 24 -5.23 -1.65 6.22
C GLU A 24 -5.11 -1.12 4.79
N CYS A 25 -4.04 -0.35 4.54
CA CYS A 25 -3.81 0.23 3.23
C CYS A 25 -3.29 -0.83 2.26
N VAL A 26 -2.34 -1.65 2.72
CA VAL A 26 -1.77 -2.71 1.89
C VAL A 26 -2.82 -3.76 1.54
N SER A 27 -3.64 -4.12 2.53
CA SER A 27 -4.68 -5.11 2.33
C SER A 27 -5.54 -4.77 1.11
N GLN A 28 -5.80 -3.47 0.93
CA GLN A 28 -6.62 -3.01 -0.19
C GLN A 28 -5.82 -3.05 -1.50
N CYS A 29 -4.64 -2.44 -1.48
CA CYS A 29 -3.79 -2.41 -2.66
C CYS A 29 -3.51 -3.81 -3.17
N ARG A 30 -3.00 -4.67 -2.29
CA ARG A 30 -2.69 -6.04 -2.66
C ARG A 30 -3.94 -6.78 -3.12
N ARG A 31 -5.08 -6.40 -2.55
CA ARG A 31 -6.35 -7.03 -2.92
C ARG A 31 -6.69 -6.78 -4.39
N ARG A 32 -7.63 -7.55 -4.91
CA ARG A 32 -8.04 -7.42 -6.31
C ARG A 32 -6.84 -7.56 -7.24
N ARG A 33 -6.15 -8.70 -7.15
CA ARG A 33 -4.99 -8.96 -7.98
C ARG A 33 -5.43 -9.37 -9.39
N GLY A 34 -6.68 -9.74 -9.54
CA GLY A 34 -7.19 -10.13 -10.84
C GLY A 34 -7.26 -8.99 -11.82
N GLY A 35 -6.96 -9.27 -13.08
CA GLY A 35 -6.99 -8.24 -14.10
C GLY A 35 -6.06 -8.54 -15.26
N GLY A 36 -4.80 -8.14 -15.12
CA GLY A 36 -3.83 -8.37 -16.17
C GLY A 36 -2.84 -9.48 -15.81
N ASP A 37 -2.43 -10.23 -16.81
CA ASP A 37 -1.48 -11.34 -16.61
C ASP A 37 -1.91 -12.20 -15.42
N GLY A 1 5.75 9.07 -16.47
CA GLY A 1 5.22 8.89 -15.14
C GLY A 1 5.98 7.85 -14.34
N SER A 2 6.45 8.23 -13.16
CA SER A 2 7.21 7.32 -12.30
C SER A 2 6.34 6.81 -11.15
N GLY A 3 6.93 5.97 -10.30
CA GLY A 3 6.20 5.43 -9.18
C GLY A 3 5.87 3.95 -9.36
N ARG A 4 6.82 3.09 -9.07
CA ARG A 4 6.63 1.65 -9.20
C ARG A 4 7.15 0.91 -7.98
N GLY A 5 6.55 1.18 -6.83
CA GLY A 5 6.97 0.54 -5.60
C GLY A 5 5.93 -0.41 -5.04
N SER A 6 6.35 -1.35 -4.20
CA SER A 6 5.44 -2.32 -3.61
C SER A 6 4.36 -1.62 -2.79
N CYS A 7 3.22 -2.30 -2.63
CA CYS A 7 2.12 -1.74 -1.85
C CYS A 7 2.54 -1.47 -0.42
N ARG A 8 3.54 -2.20 0.06
CA ARG A 8 4.02 -2.03 1.42
C ARG A 8 4.81 -0.73 1.55
N SER A 9 5.93 -0.63 0.85
CA SER A 9 6.76 0.55 0.87
C SER A 9 5.94 1.81 0.62
N GLN A 10 5.02 1.71 -0.35
CA GLN A 10 4.18 2.84 -0.71
C GLN A 10 3.25 3.22 0.45
N CYS A 11 2.58 2.21 1.00
CA CYS A 11 1.66 2.43 2.12
C CYS A 11 2.41 2.97 3.35
N MET A 12 3.63 2.49 3.54
CA MET A 12 4.44 2.91 4.68
C MET A 12 4.78 4.40 4.57
N ARG A 13 5.21 4.82 3.40
CA ARG A 13 5.56 6.22 3.15
C ARG A 13 4.34 7.12 3.29
N ARG A 14 3.19 6.61 2.85
CA ARG A 14 1.94 7.37 2.90
C ARG A 14 1.42 7.42 4.33
N HIS A 15 1.72 6.39 5.12
CA HIS A 15 1.28 6.33 6.51
C HIS A 15 2.47 6.35 7.46
N GLU A 16 3.51 7.11 7.09
CA GLU A 16 4.71 7.21 7.91
C GLU A 16 4.37 7.78 9.30
N ASP A 17 3.28 8.54 9.36
CA ASP A 17 2.86 9.15 10.63
C ASP A 17 2.05 8.14 11.45
N GLU A 18 1.42 7.19 10.76
CA GLU A 18 0.61 6.19 11.44
C GLU A 18 0.82 4.81 10.81
N PRO A 19 2.00 4.23 11.05
CA PRO A 19 2.34 2.90 10.52
C PRO A 19 1.55 1.78 11.16
N TRP A 20 0.76 2.12 12.19
CA TRP A 20 -0.06 1.15 12.89
C TRP A 20 -1.29 0.79 12.07
N ARG A 21 -1.42 1.40 10.90
CA ARG A 21 -2.56 1.14 10.03
C ARG A 21 -2.10 0.83 8.61
N VAL A 22 -0.80 0.58 8.45
CA VAL A 22 -0.23 0.27 7.14
C VAL A 22 -0.89 -0.98 6.56
N GLN A 23 -1.14 -1.97 7.40
CA GLN A 23 -1.77 -3.20 6.96
C GLN A 23 -3.08 -2.93 6.23
N GLU A 24 -3.95 -2.15 6.88
CA GLU A 24 -5.24 -1.81 6.28
C GLU A 24 -5.07 -1.20 4.90
N CYS A 25 -3.97 -0.47 4.72
CA CYS A 25 -3.69 0.17 3.43
C CYS A 25 -3.21 -0.86 2.41
N VAL A 26 -2.31 -1.74 2.82
CA VAL A 26 -1.79 -2.76 1.94
C VAL A 26 -2.87 -3.76 1.52
N SER A 27 -3.72 -4.12 2.48
CA SER A 27 -4.81 -5.06 2.22
C SER A 27 -5.65 -4.60 1.03
N GLN A 28 -5.84 -3.29 0.93
CA GLN A 28 -6.63 -2.73 -0.16
C GLN A 28 -5.84 -2.73 -1.47
N CYS A 29 -4.63 -2.18 -1.42
CA CYS A 29 -3.77 -2.11 -2.59
C CYS A 29 -3.55 -3.51 -3.19
N ARG A 30 -3.09 -4.43 -2.36
CA ARG A 30 -2.85 -5.79 -2.81
C ARG A 30 -4.13 -6.44 -3.30
N ARG A 31 -5.25 -6.12 -2.66
CA ARG A 31 -6.54 -6.66 -3.04
C ARG A 31 -6.82 -6.40 -4.52
N ARG A 32 -7.14 -7.46 -5.26
CA ARG A 32 -7.44 -7.34 -6.68
C ARG A 32 -6.22 -6.81 -7.45
N ARG A 33 -5.20 -7.65 -7.58
CA ARG A 33 -3.99 -7.25 -8.28
C ARG A 33 -4.05 -7.66 -9.75
N GLY A 34 -5.21 -7.42 -10.37
CA GLY A 34 -5.39 -7.77 -11.77
C GLY A 34 -5.94 -6.62 -12.59
N GLY A 35 -6.90 -5.90 -12.02
CA GLY A 35 -7.50 -4.78 -12.71
C GLY A 35 -6.53 -3.63 -12.91
N GLY A 36 -5.49 -3.59 -12.08
CA GLY A 36 -4.50 -2.53 -12.18
C GLY A 36 -3.56 -2.50 -11.00
N ASP A 37 -2.86 -1.39 -10.83
CA ASP A 37 -1.93 -1.24 -9.72
C ASP A 37 -1.98 0.18 -9.15
#